data_6KR6
#
_entry.id   6KR6
#
_cell.length_a   62.090
_cell.length_b   115.640
_cell.length_c   119.890
_cell.angle_alpha   90.000
_cell.angle_beta   90.000
_cell.angle_gamma   90.000
#
_symmetry.space_group_name_H-M   'P 21 21 21'
#
loop_
_entity.id
_entity.type
_entity.pdbx_description
1 polymer 'Protein piwi'
2 polymer piRNA
3 non-polymer 'ZINC ION'
4 non-polymer 'MERCURY (II) ION'
#
loop_
_entity_poly.entity_id
_entity_poly.type
_entity_poly.pdbx_seq_one_letter_code
_entity_poly.pdbx_strand_id
1 'polypeptide(L)'
;RGSSSGDPRADPRIEASRERRALEEAPRREGGPTERKPWGDQYDYLNTRPAELVSKKGTDGVPVMLQTNFFRLKTKPEWR
IVHYHVEFEPSIENPRVRMGVLSNHANLLGSGYLFDGLQLFTTRKFEQEITVLSGKSKLDIEYKISIKFVGFISCAEPRF
LQVLNLILRRSMKGLNLELVGRNLFDPRAKIEIREFKMELWPGYETSIRQHEKDILLGTEITHKVMRTETIYDIMRRCSH
NPARHQDEVRVNVLDLIVLTDYNNRTYRINDVDFGQTPKSTFSCKGRDISFVEYYLTKYNIRIRDHNQPLLISKNRDKAL
KTNASELVVLIPELCRVTGLNAEMRSNFQLMRAMSSYTRMNPKQRTDRLRAFNHRLQNTPESVKVLRDWNMELDKNVTEV
QGRIIGQQNIVFHNGKVPAGENADWQRHFRDQRMLTTPSDGLDRWAVIAPQRNSHELRTLLDSLYRAASGMGLRIRSPQE
FIIYDDRTGTYVRAMDDCVRSDPKLILCLVPNDNAERYSSIKKRGYVDRAVPTQVVTLKTTKNRSLMSIATKIAIQLNCK
LGYTPWMIELPLSGLMTIGFDIAKSTRDRKRAYGALIASMDLQQNSTYFSTVTECSAFDVLANTLWPMIAKALRQYQHEH
RKLPSRIVFYRDGVSSGSLKQLFEFEVKDIIEKLKTEYARVQLSPPQLAYIVVTRSMNTRFFLNGQNPPPGTIVDDVITL
PERYDFYLVSQQVRQGTVSPTSYNVLYSSMGLSPEKMQKLTYKMCHLYYNWSGTTRVPAVCQYAKKLATLVGTNLHSIPQ
NALEKKFYYL
;
A
2 'polyribonucleotide' UAUU(N) B
#
loop_
_chem_comp.id
_chem_comp.type
_chem_comp.name
_chem_comp.formula
A RNA linking ADENOSINE-5'-MONOPHOSPHATE 'C10 H14 N5 O7 P'
HG non-polymer 'MERCURY (II) ION' 'Hg 2'
N RNA linking 'ANY 5'-MONOPHOSPHATE NUCLEOTIDE' 'C5 H11 O7 P'
U RNA linking URIDINE-5'-MONOPHOSPHATE 'C9 H13 N2 O9 P'
ZN non-polymer 'ZINC ION' 'Zn 2'
#
# COMPACT_ATOMS: atom_id res chain seq x y z
N ASP A 60 -8.89 -28.71 0.33
CA ASP A 60 -8.83 -27.25 0.30
C ASP A 60 -9.32 -26.65 1.62
N GLY A 61 -10.49 -26.05 1.61
CA GLY A 61 -11.03 -25.42 2.80
C GLY A 61 -12.54 -25.48 2.91
N VAL A 62 -13.12 -24.69 3.81
CA VAL A 62 -14.56 -24.69 4.05
C VAL A 62 -15.16 -23.55 3.23
N PRO A 63 -16.00 -23.82 2.24
CA PRO A 63 -16.56 -22.73 1.42
C PRO A 63 -17.64 -21.97 2.15
N VAL A 64 -17.72 -20.67 1.83
CA VAL A 64 -18.68 -19.74 2.43
C VAL A 64 -19.12 -18.73 1.39
N MET A 65 -20.18 -17.99 1.73
CA MET A 65 -20.70 -16.91 0.92
C MET A 65 -20.54 -15.61 1.68
N LEU A 66 -19.96 -14.60 1.03
CA LEU A 66 -19.48 -13.40 1.71
C LEU A 66 -20.08 -12.14 1.09
N GLN A 67 -20.53 -11.24 1.95
CA GLN A 67 -20.98 -9.92 1.52
C GLN A 67 -19.80 -9.09 1.03
N THR A 68 -20.06 -8.23 0.03
CA THR A 68 -19.01 -7.43 -0.57
C THR A 68 -19.30 -5.95 -0.49
N ASN A 69 -18.60 -5.16 -1.31
CA ASN A 69 -18.90 -3.73 -1.46
C ASN A 69 -19.11 -3.39 -2.93
N PHE A 70 -19.72 -4.30 -3.69
CA PHE A 70 -19.99 -4.12 -5.12
C PHE A 70 -21.47 -4.26 -5.39
N PHE A 71 -21.97 -3.51 -6.36
CA PHE A 71 -23.34 -3.60 -6.85
C PHE A 71 -23.31 -3.97 -8.32
N ARG A 72 -24.27 -4.76 -8.76
CA ARG A 72 -24.31 -5.18 -10.15
C ARG A 72 -24.95 -4.10 -11.02
N LEU A 73 -24.43 -3.95 -12.23
CA LEU A 73 -24.99 -3.06 -13.25
C LEU A 73 -25.76 -3.94 -14.23
N LYS A 74 -27.07 -4.04 -14.04
CA LYS A 74 -27.87 -4.88 -14.91
C LYS A 74 -28.31 -4.11 -16.13
N THR A 75 -28.20 -4.75 -17.30
CA THR A 75 -28.63 -4.13 -18.55
C THR A 75 -29.63 -5.01 -19.27
N LYS A 76 -29.86 -4.75 -20.56
CA LYS A 76 -30.67 -5.67 -21.33
C LYS A 76 -29.90 -6.98 -21.48
N PRO A 77 -30.61 -8.11 -21.57
CA PRO A 77 -29.90 -9.39 -21.76
C PRO A 77 -29.02 -9.39 -23.01
N GLU A 78 -29.55 -8.92 -24.13
CA GLU A 78 -28.76 -8.70 -25.34
C GLU A 78 -28.45 -7.20 -25.39
N TRP A 79 -27.31 -6.82 -24.84
CA TRP A 79 -26.91 -5.43 -24.72
C TRP A 79 -25.47 -5.29 -25.21
N ARG A 80 -25.28 -4.51 -26.27
CA ARG A 80 -23.97 -4.31 -26.87
C ARG A 80 -23.77 -2.84 -27.18
N ILE A 81 -22.51 -2.46 -27.38
CA ILE A 81 -22.12 -1.08 -27.65
C ILE A 81 -21.73 -0.96 -29.12
N VAL A 82 -22.32 0.00 -29.81
CA VAL A 82 -22.11 0.21 -31.23
C VAL A 82 -21.20 1.42 -31.43
N HIS A 83 -20.15 1.24 -32.22
CA HIS A 83 -19.17 2.28 -32.49
C HIS A 83 -19.25 2.67 -33.97
N TYR A 84 -19.38 3.98 -34.22
CA TYR A 84 -19.40 4.58 -35.54
C TYR A 84 -18.30 5.63 -35.65
N HIS A 85 -17.91 5.90 -36.90
CA HIS A 85 -17.08 7.06 -37.24
C HIS A 85 -17.94 8.06 -37.99
N VAL A 86 -17.90 9.32 -37.56
CA VAL A 86 -18.83 10.34 -38.01
C VAL A 86 -18.08 11.40 -38.81
N GLU A 87 -18.70 11.87 -39.89
CA GLU A 87 -18.12 12.92 -40.71
C GLU A 87 -19.26 13.74 -41.32
N PHE A 88 -18.97 15.01 -41.62
CA PHE A 88 -19.96 15.96 -42.08
C PHE A 88 -19.61 16.42 -43.49
N GLU A 89 -20.65 16.53 -44.34
CA GLU A 89 -20.43 17.03 -45.69
C GLU A 89 -19.88 18.46 -45.70
N PRO A 90 -20.40 19.42 -44.91
CA PRO A 90 -19.69 20.69 -44.72
C PRO A 90 -18.62 20.54 -43.65
N SER A 91 -17.36 20.60 -44.06
CA SER A 91 -16.26 20.39 -43.13
C SER A 91 -16.22 21.48 -42.08
N ILE A 92 -15.90 21.09 -40.85
CA ILE A 92 -15.89 21.98 -39.69
C ILE A 92 -14.56 21.83 -38.99
N GLU A 93 -13.82 22.93 -38.87
CA GLU A 93 -12.49 22.91 -38.27
C GLU A 93 -12.53 22.81 -36.74
N ASN A 94 -13.72 22.82 -36.13
CA ASN A 94 -13.84 22.80 -34.69
C ASN A 94 -14.68 21.61 -34.24
N PRO A 95 -14.18 20.77 -33.33
CA PRO A 95 -14.96 19.58 -32.94
C PRO A 95 -16.19 19.89 -32.10
N ARG A 96 -16.15 20.94 -31.27
CA ARG A 96 -17.30 21.23 -30.40
C ARG A 96 -18.53 21.61 -31.22
N VAL A 97 -18.32 22.36 -32.32
CA VAL A 97 -19.42 22.67 -33.21
C VAL A 97 -20.01 21.39 -33.81
N ARG A 98 -19.14 20.44 -34.14
CA ARG A 98 -19.61 19.15 -34.64
C ARG A 98 -20.42 18.41 -33.58
N MET A 99 -19.99 18.51 -32.31
CA MET A 99 -20.73 17.88 -31.24
C MET A 99 -22.13 18.47 -31.12
N GLY A 100 -22.23 19.79 -31.20
CA GLY A 100 -23.55 20.42 -31.18
C GLY A 100 -24.40 20.05 -32.39
N VAL A 101 -23.77 19.98 -33.57
CA VAL A 101 -24.49 19.64 -34.79
C VAL A 101 -25.06 18.22 -34.70
N LEU A 102 -24.29 17.29 -34.14
CA LEU A 102 -24.82 15.96 -33.96
C LEU A 102 -25.86 15.91 -32.85
N SER A 103 -25.67 16.72 -31.79
CA SER A 103 -26.66 16.82 -30.73
C SER A 103 -28.01 17.30 -31.24
N ASN A 104 -28.02 18.03 -32.36
CA ASN A 104 -29.27 18.46 -32.98
C ASN A 104 -30.23 17.29 -33.23
N HIS A 105 -29.72 16.07 -33.38
CA HIS A 105 -30.55 14.92 -33.76
C HIS A 105 -31.12 14.27 -32.50
N ALA A 106 -32.41 14.49 -32.27
CA ALA A 106 -33.07 14.02 -31.05
C ALA A 106 -33.49 12.57 -31.10
N ASN A 107 -33.53 11.96 -32.29
CA ASN A 107 -33.91 10.56 -32.38
C ASN A 107 -32.93 9.67 -31.62
N LEU A 108 -31.66 10.09 -31.55
CA LEU A 108 -30.64 9.37 -30.81
C LEU A 108 -30.19 10.12 -29.56
N LEU A 109 -30.75 11.31 -29.30
CA LEU A 109 -30.28 12.13 -28.20
C LEU A 109 -30.74 11.59 -26.85
N GLY A 110 -32.00 11.14 -26.76
CA GLY A 110 -32.49 10.57 -25.50
C GLY A 110 -31.60 9.46 -24.99
N SER A 111 -31.23 8.54 -25.88
CA SER A 111 -30.18 7.58 -25.57
C SER A 111 -28.88 8.31 -25.33
N GLY A 112 -28.26 8.04 -24.18
CA GLY A 112 -26.94 8.60 -23.92
C GLY A 112 -25.95 8.11 -24.96
N TYR A 113 -25.13 9.04 -25.46
CA TYR A 113 -24.13 8.69 -26.45
C TYR A 113 -22.85 9.47 -26.16
N LEU A 114 -21.73 8.90 -26.59
CA LEU A 114 -20.42 9.49 -26.38
C LEU A 114 -19.84 9.88 -27.74
N PHE A 115 -19.68 11.18 -27.97
CA PHE A 115 -19.20 11.68 -29.24
C PHE A 115 -18.01 12.59 -28.99
N ASP A 116 -16.90 12.32 -29.69
CA ASP A 116 -15.71 13.14 -29.54
C ASP A 116 -15.48 14.09 -30.71
N GLY A 117 -16.44 14.19 -31.63
CA GLY A 117 -16.26 14.88 -32.88
C GLY A 117 -15.89 13.96 -34.03
N LEU A 118 -15.54 12.72 -33.74
CA LEU A 118 -15.21 11.73 -34.77
C LEU A 118 -15.70 10.36 -34.35
N GLN A 119 -15.20 9.86 -33.22
CA GLN A 119 -15.67 8.59 -32.67
C GLN A 119 -17.02 8.78 -31.99
N LEU A 120 -17.92 7.82 -32.22
CA LEU A 120 -19.26 7.83 -31.65
C LEU A 120 -19.56 6.47 -31.05
N PHE A 121 -19.99 6.45 -29.79
CA PHE A 121 -20.42 5.24 -29.11
C PHE A 121 -21.87 5.41 -28.68
N THR A 122 -22.74 4.50 -29.12
CA THR A 122 -24.14 4.58 -28.75
C THR A 122 -24.71 3.18 -28.67
N THR A 123 -25.98 3.09 -28.27
CA THR A 123 -26.66 1.82 -28.11
C THR A 123 -27.43 1.40 -29.36
N ARG A 124 -28.14 2.34 -29.99
CA ARG A 124 -28.92 2.01 -31.17
C ARG A 124 -28.03 1.59 -32.32
N LYS A 125 -28.32 0.44 -32.91
CA LYS A 125 -27.63 -0.05 -34.09
C LYS A 125 -28.46 0.29 -35.32
N PHE A 126 -27.86 1.01 -36.26
CA PHE A 126 -28.59 1.46 -37.43
C PHE A 126 -28.62 0.37 -38.50
N GLU A 127 -29.31 0.66 -39.60
CA GLU A 127 -29.58 -0.36 -40.62
C GLU A 127 -28.33 -0.69 -41.42
N GLN A 128 -27.54 0.32 -41.78
CA GLN A 128 -26.27 0.12 -42.46
C GLN A 128 -25.41 1.36 -42.18
N GLU A 129 -24.46 1.64 -43.07
CA GLU A 129 -23.84 2.96 -43.06
C GLU A 129 -24.91 3.99 -43.37
N ILE A 130 -25.21 4.85 -42.39
CA ILE A 130 -26.39 5.69 -42.46
C ILE A 130 -25.97 7.15 -42.53
N THR A 131 -26.86 7.96 -43.10
CA THR A 131 -26.59 9.37 -43.35
C THR A 131 -27.80 10.20 -42.97
N VAL A 132 -27.60 11.24 -42.17
CA VAL A 132 -28.65 12.16 -41.78
C VAL A 132 -28.36 13.53 -42.39
N LEU A 133 -29.36 14.39 -42.40
CA LEU A 133 -29.22 15.70 -43.01
C LEU A 133 -30.18 16.68 -42.35
N SER A 134 -29.75 17.93 -42.21
CA SER A 134 -30.64 18.96 -41.68
C SER A 134 -30.03 20.33 -42.00
N GLY A 135 -30.53 21.37 -41.32
CA GLY A 135 -29.97 22.69 -41.44
C GLY A 135 -29.36 23.18 -40.15
N LYS A 136 -28.12 23.66 -40.19
CA LYS A 136 -27.45 24.07 -38.96
C LYS A 136 -28.02 25.38 -38.44
N SER A 137 -27.80 25.61 -37.14
CA SER A 137 -28.38 26.78 -36.50
C SER A 137 -27.75 28.08 -36.96
N LYS A 138 -26.47 28.06 -37.32
CA LYS A 138 -25.73 29.27 -37.64
C LYS A 138 -26.31 30.02 -38.84
N LEU A 139 -26.21 29.43 -40.03
CA LEU A 139 -26.64 30.09 -41.26
C LEU A 139 -27.70 29.31 -42.02
N ASP A 140 -28.37 28.37 -41.35
CA ASP A 140 -29.33 27.48 -42.00
C ASP A 140 -28.66 26.71 -43.15
N ILE A 141 -27.42 26.29 -42.92
CA ILE A 141 -26.65 25.55 -43.92
C ILE A 141 -27.09 24.10 -43.89
N GLU A 142 -27.40 23.57 -45.07
CA GLU A 142 -27.75 22.15 -45.20
C GLU A 142 -26.50 21.32 -44.95
N TYR A 143 -26.46 20.63 -43.80
CA TYR A 143 -25.37 19.73 -43.48
C TYR A 143 -25.84 18.28 -43.64
N LYS A 144 -24.93 17.43 -44.11
CA LYS A 144 -25.18 16.01 -44.31
C LYS A 144 -24.16 15.24 -43.46
N ILE A 145 -24.61 14.72 -42.33
CA ILE A 145 -23.77 13.96 -41.42
C ILE A 145 -23.70 12.52 -41.92
N SER A 146 -22.49 12.04 -42.19
CA SER A 146 -22.26 10.67 -42.65
C SER A 146 -21.80 9.85 -41.46
N ILE A 147 -22.70 9.07 -40.88
CA ILE A 147 -22.39 8.24 -39.72
C ILE A 147 -22.04 6.85 -40.24
N LYS A 148 -20.75 6.57 -40.38
CA LYS A 148 -20.28 5.30 -40.93
C LYS A 148 -20.12 4.28 -39.81
N PHE A 149 -20.71 3.10 -40.02
CA PHE A 149 -20.68 2.04 -39.02
C PHE A 149 -19.29 1.42 -38.95
N VAL A 150 -18.76 1.29 -37.74
CA VAL A 150 -17.47 0.64 -37.51
C VAL A 150 -17.63 -0.76 -36.95
N GLY A 151 -18.36 -0.91 -35.84
CA GLY A 151 -18.61 -2.25 -35.35
C GLY A 151 -19.17 -2.26 -33.94
N PHE A 152 -18.98 -3.40 -33.28
CA PHE A 152 -19.35 -3.59 -31.89
C PHE A 152 -18.09 -3.70 -31.04
N ILE A 153 -18.13 -3.14 -29.84
CA ILE A 153 -17.01 -3.27 -28.91
C ILE A 153 -17.08 -4.63 -28.25
N SER A 154 -16.06 -5.45 -28.46
CA SER A 154 -16.02 -6.77 -27.86
C SER A 154 -15.90 -6.67 -26.34
N CYS A 155 -16.34 -7.73 -25.66
CA CYS A 155 -16.24 -7.76 -24.21
C CYS A 155 -14.78 -7.82 -23.73
N ALA A 156 -13.85 -8.18 -24.62
CA ALA A 156 -12.44 -8.27 -24.25
C ALA A 156 -11.66 -7.00 -24.56
N GLU A 157 -12.18 -6.13 -25.43
CA GLU A 157 -11.46 -4.90 -25.75
C GLU A 157 -11.40 -3.99 -24.53
N PRO A 158 -10.27 -3.29 -24.32
CA PRO A 158 -10.21 -2.32 -23.23
C PRO A 158 -11.08 -1.10 -23.48
N ARG A 159 -11.42 -0.80 -24.73
CA ARG A 159 -12.35 0.27 -25.02
C ARG A 159 -13.71 0.03 -24.37
N PHE A 160 -14.07 -1.25 -24.17
CA PHE A 160 -15.27 -1.59 -23.43
C PHE A 160 -15.27 -0.93 -22.05
N LEU A 161 -14.24 -1.23 -21.26
CA LEU A 161 -14.15 -0.68 -19.91
C LEU A 161 -13.90 0.83 -19.93
N GLN A 162 -13.24 1.35 -20.96
CA GLN A 162 -13.08 2.80 -21.05
C GLN A 162 -14.42 3.50 -21.27
N VAL A 163 -15.27 2.94 -22.14
CA VAL A 163 -16.60 3.49 -22.36
C VAL A 163 -17.42 3.40 -21.08
N LEU A 164 -17.35 2.26 -20.38
CA LEU A 164 -18.09 2.13 -19.12
C LEU A 164 -17.60 3.13 -18.09
N ASN A 165 -16.30 3.38 -18.04
CA ASN A 165 -15.75 4.36 -17.10
C ASN A 165 -16.22 5.76 -17.44
N LEU A 166 -16.24 6.13 -18.72
CA LEU A 166 -16.73 7.45 -19.09
C LEU A 166 -18.22 7.59 -18.75
N ILE A 167 -19.00 6.54 -18.96
CA ILE A 167 -20.43 6.58 -18.62
C ILE A 167 -20.60 6.79 -17.13
N LEU A 168 -19.86 6.03 -16.31
CA LEU A 168 -20.00 6.15 -14.87
C LEU A 168 -19.51 7.49 -14.37
N ARG A 169 -18.47 8.07 -15.00
CA ARG A 169 -18.05 9.41 -14.61
C ARG A 169 -19.10 10.45 -14.96
N ARG A 170 -19.72 10.31 -16.14
CA ARG A 170 -20.83 11.19 -16.50
C ARG A 170 -21.96 11.10 -15.49
N SER A 171 -22.21 9.90 -14.97
CA SER A 171 -23.24 9.74 -13.93
C SER A 171 -22.81 10.39 -12.62
N MET A 172 -21.56 10.15 -12.20
CA MET A 172 -21.04 10.76 -10.98
C MET A 172 -21.11 12.28 -11.05
N LYS A 173 -21.03 12.85 -12.26
CA LYS A 173 -21.14 14.29 -12.41
C LYS A 173 -22.47 14.82 -11.87
N GLY A 174 -23.52 14.00 -11.89
CA GLY A 174 -24.80 14.44 -11.37
C GLY A 174 -24.79 14.70 -9.88
N LEU A 175 -23.93 13.99 -9.14
CA LEU A 175 -23.81 14.21 -7.71
C LEU A 175 -23.13 15.52 -7.36
N ASN A 176 -22.51 16.17 -8.34
CA ASN A 176 -21.80 17.43 -8.15
C ASN A 176 -20.75 17.31 -7.04
N LEU A 177 -19.86 16.34 -7.23
CA LEU A 177 -18.72 16.14 -6.35
C LEU A 177 -17.44 16.34 -7.15
N GLU A 178 -16.43 16.90 -6.51
CA GLU A 178 -15.14 17.09 -7.15
C GLU A 178 -14.57 15.74 -7.58
N LEU A 179 -14.44 15.56 -8.89
CA LEU A 179 -14.01 14.30 -9.47
C LEU A 179 -12.52 14.37 -9.78
N VAL A 180 -11.75 13.47 -9.17
CA VAL A 180 -10.30 13.41 -9.35
C VAL A 180 -9.93 11.96 -9.58
N GLY A 181 -9.54 11.63 -10.81
CA GLY A 181 -9.19 10.26 -11.13
C GLY A 181 -10.38 9.35 -10.95
N ARG A 182 -10.24 8.37 -10.05
CA ARG A 182 -11.32 7.45 -9.71
C ARG A 182 -11.93 7.77 -8.35
N ASN A 183 -11.80 9.01 -7.88
CA ASN A 183 -12.26 9.42 -6.56
C ASN A 183 -13.23 10.58 -6.66
N LEU A 184 -14.23 10.57 -5.78
CA LEU A 184 -15.23 11.63 -5.69
C LEU A 184 -15.12 12.26 -4.30
N PHE A 185 -14.82 13.55 -4.25
CA PHE A 185 -14.69 14.26 -2.99
C PHE A 185 -15.79 15.31 -2.84
N ASP A 186 -16.10 15.63 -1.58
CA ASP A 186 -17.10 16.65 -1.24
C ASP A 186 -16.37 17.74 -0.46
N PRO A 187 -15.83 18.76 -1.15
CA PRO A 187 -15.11 19.82 -0.42
C PRO A 187 -15.99 20.65 0.48
N ARG A 188 -17.30 20.69 0.24
CA ARG A 188 -18.20 21.35 1.18
C ARG A 188 -18.16 20.68 2.54
N ALA A 189 -18.07 19.36 2.56
CA ALA A 189 -18.02 18.57 3.79
C ALA A 189 -16.59 18.41 4.31
N LYS A 190 -15.74 19.43 4.17
CA LYS A 190 -14.39 19.34 4.66
C LYS A 190 -14.38 19.30 6.19
N ILE A 191 -13.46 18.53 6.75
CA ILE A 191 -13.25 18.47 8.19
C ILE A 191 -11.95 19.21 8.47
N GLU A 192 -12.06 20.45 8.95
CA GLU A 192 -10.88 21.23 9.28
C GLU A 192 -10.41 20.90 10.68
N ILE A 193 -9.10 20.91 10.87
CA ILE A 193 -8.48 20.70 12.17
C ILE A 193 -7.44 21.78 12.38
N ARG A 194 -7.82 22.83 13.12
CA ARG A 194 -6.87 23.88 13.45
C ARG A 194 -5.85 23.43 14.48
N GLU A 195 -6.15 22.37 15.23
CA GLU A 195 -5.18 21.82 16.17
C GLU A 195 -3.96 21.27 15.44
N PHE A 196 -4.18 20.54 14.35
CA PHE A 196 -3.09 19.99 13.54
C PHE A 196 -2.84 20.78 12.27
N LYS A 197 -3.58 21.87 12.05
CA LYS A 197 -3.43 22.71 10.85
C LYS A 197 -3.57 21.89 9.58
N MET A 198 -4.69 21.16 9.46
CA MET A 198 -4.88 20.30 8.31
C MET A 198 -6.35 20.10 8.03
N GLU A 199 -6.70 19.99 6.75
CA GLU A 199 -8.07 19.72 6.33
C GLU A 199 -8.16 18.32 5.73
N LEU A 200 -9.19 17.58 6.14
CA LEU A 200 -9.44 16.22 5.68
C LEU A 200 -10.76 16.21 4.92
N TRP A 201 -10.71 15.85 3.63
CA TRP A 201 -11.90 15.79 2.81
C TRP A 201 -12.36 14.35 2.69
N PRO A 202 -13.59 14.04 3.07
CA PRO A 202 -14.11 12.68 2.83
C PRO A 202 -14.45 12.49 1.36
N GLY A 203 -14.48 11.22 0.96
CA GLY A 203 -14.79 10.92 -0.42
C GLY A 203 -14.93 9.43 -0.64
N TYR A 204 -15.19 9.08 -1.89
CA TYR A 204 -15.47 7.71 -2.29
C TYR A 204 -14.57 7.30 -3.42
N GLU A 205 -13.85 6.20 -3.23
CA GLU A 205 -13.04 5.58 -4.28
C GLU A 205 -13.89 4.56 -5.02
N THR A 206 -13.79 4.58 -6.36
CA THR A 206 -14.67 3.82 -7.21
C THR A 206 -13.87 2.87 -8.10
N SER A 207 -14.46 1.71 -8.39
CA SER A 207 -13.84 0.73 -9.28
C SER A 207 -14.91 -0.07 -9.99
N ILE A 208 -14.52 -0.69 -11.09
CA ILE A 208 -15.44 -1.44 -11.95
C ILE A 208 -14.78 -2.76 -12.35
N ARG A 209 -15.52 -3.86 -12.23
CA ARG A 209 -15.00 -5.19 -12.47
C ARG A 209 -15.84 -5.92 -13.50
N GLN A 210 -15.18 -6.68 -14.36
CA GLN A 210 -15.83 -7.46 -15.40
C GLN A 210 -15.82 -8.93 -15.01
N HIS A 211 -16.96 -9.59 -15.12
CA HIS A 211 -17.09 -11.02 -14.91
C HIS A 211 -17.86 -11.61 -16.08
N GLU A 212 -17.79 -12.94 -16.21
CA GLU A 212 -18.59 -13.60 -17.23
C GLU A 212 -20.09 -13.42 -16.98
N LYS A 213 -20.48 -13.31 -15.71
CA LYS A 213 -21.89 -13.22 -15.36
C LYS A 213 -22.45 -11.82 -15.58
N ASP A 214 -21.67 -10.78 -15.26
CA ASP A 214 -22.18 -9.41 -15.35
C ASP A 214 -21.09 -8.36 -15.28
N ILE A 215 -21.46 -7.15 -14.85
CA ILE A 215 -20.56 -6.04 -14.64
C ILE A 215 -20.81 -5.51 -13.24
N LEU A 216 -19.75 -5.26 -12.47
CA LEU A 216 -19.89 -4.84 -11.09
C LEU A 216 -19.23 -3.49 -10.86
N LEU A 217 -19.79 -2.72 -9.94
CA LEU A 217 -19.32 -1.39 -9.59
C LEU A 217 -19.19 -1.31 -8.07
N GLY A 218 -17.99 -1.00 -7.59
CA GLY A 218 -17.72 -1.00 -6.17
C GLY A 218 -17.21 0.35 -5.68
N THR A 219 -17.52 0.65 -4.42
CA THR A 219 -17.12 1.90 -3.78
C THR A 219 -16.47 1.61 -2.44
N GLU A 220 -15.66 2.57 -1.98
CA GLU A 220 -14.95 2.45 -0.72
C GLU A 220 -14.74 3.84 -0.12
N ILE A 221 -14.73 3.92 1.20
CA ILE A 221 -14.50 5.19 1.88
C ILE A 221 -13.05 5.62 1.69
N THR A 222 -12.83 6.92 1.57
CA THR A 222 -11.50 7.46 1.35
C THR A 222 -11.41 8.85 1.96
N HIS A 223 -10.20 9.25 2.34
CA HIS A 223 -9.96 10.51 3.03
C HIS A 223 -8.72 11.16 2.43
N LYS A 224 -8.88 12.36 1.89
CA LYS A 224 -7.77 13.10 1.30
C LYS A 224 -7.35 14.20 2.27
N VAL A 225 -6.11 14.14 2.73
CA VAL A 225 -5.60 15.07 3.73
C VAL A 225 -4.73 16.11 3.03
N MET A 226 -4.79 17.36 3.53
CA MET A 226 -3.96 18.42 3.01
C MET A 226 -3.66 19.41 4.12
N ARG A 227 -2.62 20.20 3.93
CA ARG A 227 -2.15 21.14 4.94
C ARG A 227 -2.91 22.46 4.85
N THR A 228 -3.23 23.02 6.00
CA THR A 228 -3.89 24.32 6.05
C THR A 228 -2.96 25.45 5.64
N GLU A 229 -1.67 25.31 5.92
CA GLU A 229 -0.71 26.37 5.66
C GLU A 229 -0.68 26.73 4.18
N THR A 230 -0.75 28.03 3.91
CA THR A 230 -0.66 28.58 2.55
C THR A 230 0.62 29.39 2.41
N ILE A 231 1.07 29.54 1.17
CA ILE A 231 2.30 30.29 0.92
C ILE A 231 2.12 31.76 1.27
N TYR A 232 0.89 32.28 1.16
CA TYR A 232 0.63 33.65 1.60
C TYR A 232 0.91 33.81 3.08
N ASP A 233 0.61 32.78 3.88
CA ASP A 233 0.89 32.85 5.31
C ASP A 233 2.39 32.78 5.57
N ILE A 234 3.12 31.97 4.81
CA ILE A 234 4.56 31.89 4.96
C ILE A 234 5.22 33.23 4.63
N MET A 235 4.73 33.89 3.57
CA MET A 235 5.28 35.19 3.20
C MET A 235 5.01 36.24 4.28
N ARG A 236 3.85 36.16 4.94
CA ARG A 236 3.52 37.12 5.97
C ARG A 236 4.32 36.88 7.24
N ARG A 237 4.71 35.64 7.50
CA ARG A 237 5.51 35.34 8.69
C ARG A 237 6.92 35.91 8.54
N CYS A 238 7.49 35.85 7.34
CA CYS A 238 8.82 36.39 7.12
C CYS A 238 8.84 37.91 7.21
N SER A 239 7.79 38.57 6.70
CA SER A 239 7.73 40.03 6.68
C SER A 239 7.71 40.60 8.08
N ASP A 247 12.80 40.19 -0.40
CA ASP A 247 13.90 39.35 -0.84
C ASP A 247 13.97 38.07 -0.01
N GLU A 248 13.75 38.21 1.29
CA GLU A 248 13.77 37.05 2.17
C GLU A 248 12.57 36.14 1.90
N VAL A 249 11.42 36.74 1.57
CA VAL A 249 10.27 35.93 1.16
C VAL A 249 10.60 35.14 -0.10
N ARG A 250 11.26 35.79 -1.07
CA ARG A 250 11.64 35.10 -2.29
C ARG A 250 12.64 33.99 -2.00
N VAL A 251 13.56 34.22 -1.06
CA VAL A 251 14.54 33.20 -0.70
C VAL A 251 13.87 32.02 -0.01
N ASN A 252 12.83 32.28 0.77
CA ASN A 252 12.15 31.21 1.50
C ASN A 252 11.12 30.46 0.66
N VAL A 253 10.61 31.08 -0.41
CA VAL A 253 9.54 30.50 -1.20
C VAL A 253 10.05 29.84 -2.47
N LEU A 254 11.03 30.44 -3.14
CA LEU A 254 11.53 29.88 -4.39
C LEU A 254 12.16 28.52 -4.15
N ASP A 255 11.73 27.53 -4.96
CA ASP A 255 12.14 26.13 -5.00
C ASP A 255 11.15 25.23 -4.26
N LEU A 256 10.18 25.82 -3.58
CA LEU A 256 9.17 25.01 -2.90
C LEU A 256 8.08 24.60 -3.88
N ILE A 257 7.32 23.57 -3.50
CA ILE A 257 6.24 23.02 -4.32
C ILE A 257 4.91 23.34 -3.64
N VAL A 258 4.00 23.95 -4.40
CA VAL A 258 2.69 24.33 -3.87
C VAL A 258 1.61 23.55 -4.63
N LEU A 259 0.45 23.44 -4.00
CA LEU A 259 -0.71 22.76 -4.57
C LEU A 259 -1.87 23.74 -4.63
N THR A 260 -2.52 23.84 -5.78
CA THR A 260 -3.68 24.71 -5.90
C THR A 260 -4.90 24.07 -5.26
N ASP A 261 -5.60 24.82 -4.41
CA ASP A 261 -6.73 24.29 -3.66
C ASP A 261 -8.00 24.16 -4.50
N TYR A 262 -7.99 24.67 -5.73
CA TYR A 262 -9.14 24.60 -6.62
C TYR A 262 -8.96 23.59 -7.74
N ASN A 263 -7.77 23.00 -7.87
CA ASN A 263 -7.43 22.13 -8.98
C ASN A 263 -6.23 21.30 -8.56
N ASN A 264 -6.38 19.98 -8.51
CA ASN A 264 -5.35 19.13 -7.92
C ASN A 264 -4.07 19.13 -8.73
N ARG A 265 -3.46 20.31 -8.88
CA ARG A 265 -2.21 20.48 -9.60
C ARG A 265 -1.18 21.15 -8.69
N THR A 266 0.04 20.63 -8.74
CA THR A 266 1.17 21.18 -7.99
C THR A 266 2.13 21.87 -8.96
N TYR A 267 2.75 22.94 -8.46
CA TYR A 267 3.69 23.75 -9.23
C TYR A 267 4.93 24.03 -8.40
N ARG A 268 6.08 24.07 -9.06
CA ARG A 268 7.30 24.56 -8.44
C ARG A 268 7.41 26.05 -8.71
N ILE A 269 7.33 26.86 -7.65
CA ILE A 269 7.44 28.31 -7.81
C ILE A 269 8.89 28.62 -8.18
N ASN A 270 9.07 29.27 -9.33
CA ASN A 270 10.39 29.64 -9.81
C ASN A 270 10.73 31.09 -9.51
N ASP A 271 9.74 31.98 -9.46
CA ASP A 271 9.98 33.34 -9.03
C ASP A 271 8.71 33.89 -8.41
N VAL A 272 8.82 35.07 -7.80
CA VAL A 272 7.67 35.78 -7.29
C VAL A 272 7.71 37.19 -7.87
N ASP A 273 6.70 37.52 -8.67
CA ASP A 273 6.54 38.83 -9.29
C ASP A 273 5.84 39.75 -8.30
N PHE A 274 6.58 40.70 -7.74
CA PHE A 274 6.00 41.72 -6.87
C PHE A 274 5.35 42.86 -7.66
N GLY A 275 5.63 42.95 -8.95
CA GLY A 275 5.05 43.97 -9.80
C GLY A 275 3.68 43.65 -10.35
N GLN A 276 3.11 42.50 -9.99
CA GLN A 276 1.78 42.12 -10.41
C GLN A 276 0.92 41.80 -9.21
N THR A 277 -0.39 41.99 -9.37
CA THR A 277 -1.38 41.80 -8.33
C THR A 277 -2.52 40.97 -8.90
N PRO A 278 -3.43 40.48 -8.04
CA PRO A 278 -4.62 39.79 -8.57
C PRO A 278 -5.45 40.63 -9.52
N LYS A 279 -5.30 41.96 -9.48
CA LYS A 279 -6.00 42.84 -10.42
C LYS A 279 -5.30 42.92 -11.77
N SER A 280 -4.12 42.30 -11.92
CA SER A 280 -3.46 42.27 -13.21
C SER A 280 -4.20 41.35 -14.17
N THR A 281 -3.94 41.53 -15.46
CA THR A 281 -4.68 40.83 -16.51
C THR A 281 -3.74 39.95 -17.33
N PHE A 282 -4.29 38.86 -17.84
CA PHE A 282 -3.61 38.00 -18.80
C PHE A 282 -4.57 37.69 -19.95
N SER A 283 -4.03 37.08 -21.00
CA SER A 283 -4.78 36.78 -22.21
C SER A 283 -4.91 35.27 -22.35
N CYS A 284 -6.15 34.79 -22.40
CA CYS A 284 -6.41 33.37 -22.62
C CYS A 284 -6.19 33.01 -24.08
N LYS A 285 -6.96 32.05 -24.60
CA LYS A 285 -6.86 31.72 -26.02
C LYS A 285 -7.36 32.87 -26.88
N GLY A 286 -8.29 33.66 -26.38
CA GLY A 286 -8.81 34.79 -27.14
C GLY A 286 -9.21 35.98 -26.28
N ARG A 287 -9.64 35.72 -25.06
CA ARG A 287 -10.16 36.78 -24.19
C ARG A 287 -9.08 37.30 -23.25
N ASP A 288 -9.21 38.57 -22.90
CA ASP A 288 -8.35 39.22 -21.90
C ASP A 288 -9.12 39.36 -20.60
N ILE A 289 -8.50 38.96 -19.49
CA ILE A 289 -9.22 38.81 -18.23
C ILE A 289 -8.24 38.97 -17.08
N SER A 290 -8.73 39.49 -15.96
CA SER A 290 -7.93 39.62 -14.75
C SER A 290 -7.94 38.33 -13.95
N PHE A 291 -6.96 38.19 -13.06
CA PHE A 291 -6.86 36.97 -12.26
C PHE A 291 -8.07 36.80 -11.35
N VAL A 292 -8.55 37.89 -10.76
CA VAL A 292 -9.76 37.83 -9.95
C VAL A 292 -10.92 37.28 -10.78
N GLU A 293 -11.13 37.85 -11.97
CA GLU A 293 -12.20 37.40 -12.85
C GLU A 293 -11.99 35.97 -13.29
N TYR A 294 -10.74 35.61 -13.62
CA TYR A 294 -10.47 34.25 -14.10
C TYR A 294 -10.79 33.21 -13.04
N TYR A 295 -10.36 33.45 -11.80
CA TYR A 295 -10.60 32.48 -10.75
C TYR A 295 -12.01 32.58 -10.14
N LEU A 296 -12.75 33.65 -10.43
CA LEU A 296 -14.16 33.67 -10.05
C LEU A 296 -15.04 32.97 -11.08
N THR A 297 -14.69 33.07 -12.37
CA THR A 297 -15.49 32.45 -13.43
C THR A 297 -15.15 30.99 -13.66
N LYS A 298 -13.89 30.59 -13.49
CA LYS A 298 -13.47 29.23 -13.79
C LYS A 298 -13.60 28.28 -12.60
N TYR A 299 -13.42 28.77 -11.38
CA TYR A 299 -13.45 27.92 -10.20
C TYR A 299 -14.35 28.43 -9.08
N ASN A 300 -15.01 29.57 -9.27
CA ASN A 300 -15.83 30.20 -8.23
C ASN A 300 -15.02 30.40 -6.96
N ILE A 301 -13.78 30.87 -7.12
CA ILE A 301 -12.86 31.12 -6.02
C ILE A 301 -12.61 32.62 -5.96
N ARG A 302 -12.89 33.22 -4.80
CA ARG A 302 -12.77 34.66 -4.62
C ARG A 302 -11.43 35.00 -3.99
N ILE A 303 -10.79 36.04 -4.51
CA ILE A 303 -9.50 36.50 -4.02
C ILE A 303 -9.73 37.76 -3.19
N ARG A 304 -9.44 37.67 -1.89
CA ARG A 304 -9.75 38.76 -0.96
C ARG A 304 -8.61 39.75 -0.80
N ASP A 305 -7.36 39.30 -0.88
CA ASP A 305 -6.21 40.16 -0.72
C ASP A 305 -5.73 40.60 -2.09
N HIS A 306 -5.77 41.91 -2.35
CA HIS A 306 -5.45 42.47 -3.65
C HIS A 306 -4.01 42.96 -3.76
N ASN A 307 -3.28 43.05 -2.64
CA ASN A 307 -1.92 43.56 -2.65
C ASN A 307 -0.86 42.47 -2.74
N GLN A 308 -1.26 41.20 -2.68
CA GLN A 308 -0.29 40.11 -2.66
C GLN A 308 0.42 40.00 -4.01
N PRO A 309 1.68 39.52 -4.01
CA PRO A 309 2.40 39.31 -5.28
C PRO A 309 1.87 38.10 -6.03
N LEU A 310 2.53 37.73 -7.14
CA LEU A 310 2.15 36.57 -7.92
C LEU A 310 3.29 35.56 -7.95
N LEU A 311 2.96 34.27 -7.90
CA LEU A 311 3.97 33.23 -8.01
C LEU A 311 4.06 32.80 -9.46
N ILE A 312 5.24 32.92 -10.06
CA ILE A 312 5.44 32.55 -11.46
C ILE A 312 6.19 31.23 -11.51
N SER A 313 5.58 30.24 -12.16
CA SER A 313 6.13 28.89 -12.29
C SER A 313 6.39 28.54 -13.76
N VAL A 328 3.01 29.59 -15.73
CA VAL A 328 1.74 29.88 -15.07
C VAL A 328 1.95 30.91 -13.96
N VAL A 329 0.87 31.62 -13.62
CA VAL A 329 0.89 32.68 -12.62
C VAL A 329 -0.18 32.34 -11.59
N LEU A 330 0.25 32.05 -10.36
CA LEU A 330 -0.62 31.59 -9.29
C LEU A 330 -0.73 32.66 -8.21
N ILE A 331 -1.81 32.58 -7.45
CA ILE A 331 -2.10 33.51 -6.37
C ILE A 331 -1.71 32.85 -5.05
N PRO A 332 -0.89 33.50 -4.22
CA PRO A 332 -0.47 32.86 -2.96
C PRO A 332 -1.62 32.51 -2.04
N GLU A 333 -2.69 33.31 -2.03
CA GLU A 333 -3.86 33.00 -1.22
C GLU A 333 -4.51 31.70 -1.65
N LEU A 334 -4.24 31.21 -2.85
CA LEU A 334 -4.86 30.02 -3.39
C LEU A 334 -3.88 28.85 -3.57
N CYS A 335 -2.69 28.95 -2.98
CA CYS A 335 -1.69 27.90 -3.10
C CYS A 335 -1.39 27.32 -1.72
N ARG A 336 -1.40 26.00 -1.63
CA ARG A 336 -1.14 25.29 -0.39
C ARG A 336 0.19 24.55 -0.50
N VAL A 337 1.05 24.72 0.50
CA VAL A 337 2.37 24.09 0.50
C VAL A 337 2.24 22.58 0.60
N ASN A 347 5.47 11.59 10.87
CA ASN A 347 4.37 11.02 10.10
C ASN A 347 3.65 9.92 10.89
N PHE A 348 4.43 9.15 11.65
CA PHE A 348 3.91 7.92 12.24
C PHE A 348 2.97 8.17 13.43
N GLN A 349 3.12 9.30 14.12
CA GLN A 349 2.17 9.65 15.16
C GLN A 349 0.95 10.35 14.58
N LEU A 350 1.16 11.18 13.55
CA LEU A 350 0.04 11.72 12.79
C LEU A 350 -0.81 10.61 12.20
N MET A 351 -0.18 9.51 11.80
CA MET A 351 -0.93 8.35 11.34
C MET A 351 -1.80 7.79 12.46
N ARG A 352 -1.30 7.82 13.70
CA ARG A 352 -2.08 7.33 14.83
C ARG A 352 -3.30 8.22 15.07
N ALA A 353 -3.11 9.54 15.06
CA ALA A 353 -4.24 10.45 15.24
C ALA A 353 -5.27 10.28 14.13
N MET A 354 -4.81 10.27 12.88
CA MET A 354 -5.72 10.12 11.75
C MET A 354 -6.43 8.77 11.78
N SER A 355 -5.74 7.71 12.22
CA SER A 355 -6.39 6.41 12.37
C SER A 355 -7.46 6.47 13.45
N SER A 356 -7.22 7.21 14.53
CA SER A 356 -8.28 7.45 15.49
C SER A 356 -9.46 8.13 14.83
N TYR A 357 -9.19 9.03 13.88
CA TYR A 357 -10.28 9.66 13.15
C TYR A 357 -10.75 8.87 11.94
N THR A 358 -10.11 7.74 11.62
CA THR A 358 -10.44 6.98 10.43
C THR A 358 -10.83 5.53 10.69
N ARG A 359 -10.45 4.95 11.83
CA ARG A 359 -10.85 3.57 12.13
C ARG A 359 -12.37 3.46 12.12
N MET A 360 -12.88 2.43 11.45
CA MET A 360 -14.31 2.32 11.23
C MET A 360 -14.77 0.88 11.44
N ASN A 361 -15.83 0.73 12.24
CA ASN A 361 -16.50 -0.56 12.37
C ASN A 361 -17.05 -0.99 11.02
N PRO A 362 -17.13 -2.31 10.76
CA PRO A 362 -17.72 -2.76 9.49
C PRO A 362 -19.15 -2.28 9.28
N LYS A 363 -19.97 -2.25 10.34
CA LYS A 363 -21.35 -1.81 10.20
C LYS A 363 -21.43 -0.33 9.83
N GLN A 364 -20.56 0.49 10.43
CA GLN A 364 -20.55 1.91 10.12
C GLN A 364 -20.14 2.15 8.66
N ARG A 365 -19.17 1.39 8.17
CA ARG A 365 -18.75 1.49 6.77
C ARG A 365 -19.88 1.08 5.84
N THR A 366 -20.58 -0.02 6.18
CA THR A 366 -21.72 -0.44 5.37
C THR A 366 -22.80 0.62 5.36
N ASP A 367 -23.02 1.29 6.50
CA ASP A 367 -24.04 2.34 6.56
C ASP A 367 -23.68 3.51 5.67
N ARG A 368 -22.43 3.99 5.77
CA ARG A 368 -22.01 5.10 4.91
C ARG A 368 -22.07 4.72 3.43
N LEU A 369 -21.78 3.45 3.11
CA LEU A 369 -21.86 3.00 1.73
C LEU A 369 -23.30 3.02 1.23
N ARG A 370 -24.23 2.47 2.01
CA ARG A 370 -25.63 2.50 1.63
C ARG A 370 -26.14 3.94 1.52
N ALA A 371 -25.61 4.84 2.35
CA ALA A 371 -25.99 6.25 2.26
C ALA A 371 -25.53 6.84 0.93
N PHE A 372 -24.29 6.56 0.53
CA PHE A 372 -23.80 7.04 -0.77
C PHE A 372 -24.63 6.47 -1.92
N ASN A 373 -24.98 5.18 -1.83
CA ASN A 373 -25.79 4.57 -2.87
C ASN A 373 -27.15 5.24 -2.97
N HIS A 374 -27.81 5.46 -1.83
CA HIS A 374 -29.12 6.09 -1.86
C HIS A 374 -29.04 7.53 -2.32
N ARG A 375 -27.93 8.22 -2.02
CA ARG A 375 -27.75 9.58 -2.53
C ARG A 375 -27.65 9.59 -4.04
N LEU A 376 -26.80 8.72 -4.59
CA LEU A 376 -26.69 8.64 -6.05
C LEU A 376 -28.00 8.20 -6.68
N GLN A 377 -28.77 7.37 -5.97
CA GLN A 377 -30.03 6.86 -6.52
C GLN A 377 -31.11 7.93 -6.50
N ASN A 378 -31.08 8.84 -5.52
CA ASN A 378 -32.08 9.90 -5.44
C ASN A 378 -31.77 11.09 -6.34
N THR A 379 -30.52 11.27 -6.71
CA THR A 379 -30.15 12.38 -7.58
C THR A 379 -30.68 12.13 -8.99
N PRO A 380 -31.59 12.96 -9.50
CA PRO A 380 -32.13 12.72 -10.85
C PRO A 380 -31.12 12.94 -11.95
N GLU A 381 -30.10 13.77 -11.71
CA GLU A 381 -29.11 14.04 -12.75
C GLU A 381 -28.25 12.81 -13.02
N SER A 382 -27.85 12.08 -11.97
CA SER A 382 -27.10 10.85 -12.18
C SER A 382 -27.99 9.74 -12.72
N VAL A 383 -29.22 9.64 -12.19
CA VAL A 383 -30.15 8.60 -12.63
C VAL A 383 -30.52 8.78 -14.09
N LYS A 384 -30.58 10.03 -14.56
CA LYS A 384 -30.86 10.27 -15.98
C LYS A 384 -29.77 9.68 -16.85
N VAL A 385 -28.50 9.96 -16.53
CA VAL A 385 -27.39 9.41 -17.29
C VAL A 385 -27.40 7.89 -17.23
N LEU A 386 -27.66 7.32 -16.06
CA LEU A 386 -27.66 5.87 -15.93
C LEU A 386 -28.78 5.25 -16.76
N ARG A 387 -29.97 5.84 -16.74
CA ARG A 387 -31.12 5.25 -17.42
C ARG A 387 -31.04 5.43 -18.93
N ASP A 388 -30.43 6.52 -19.40
CA ASP A 388 -30.34 6.75 -20.84
C ASP A 388 -29.60 5.62 -21.55
N TRP A 389 -28.67 4.95 -20.86
CA TRP A 389 -27.96 3.82 -21.41
C TRP A 389 -28.63 2.49 -21.09
N ASN A 390 -29.81 2.52 -20.46
CA ASN A 390 -30.58 1.32 -20.14
C ASN A 390 -29.76 0.35 -19.30
N MET A 391 -29.24 0.88 -18.18
CA MET A 391 -28.54 0.09 -17.18
C MET A 391 -28.94 0.58 -15.81
N GLU A 392 -29.14 -0.36 -14.89
CA GLU A 392 -29.64 -0.07 -13.56
C GLU A 392 -28.63 -0.53 -12.52
N LEU A 393 -28.33 0.34 -11.56
CA LEU A 393 -27.70 -0.11 -10.33
C LEU A 393 -28.61 -1.11 -9.63
N ASP A 394 -28.01 -2.12 -9.02
CA ASP A 394 -28.74 -2.93 -8.06
C ASP A 394 -28.49 -2.36 -6.67
N LYS A 395 -29.56 -1.89 -6.02
CA LYS A 395 -29.44 -1.39 -4.66
C LYS A 395 -29.08 -2.50 -3.67
N ASN A 396 -29.01 -3.75 -4.12
CA ASN A 396 -28.58 -4.89 -3.33
C ASN A 396 -27.12 -5.21 -3.64
N VAL A 397 -26.41 -5.67 -2.62
CA VAL A 397 -24.98 -5.94 -2.72
C VAL A 397 -24.78 -7.36 -3.26
N THR A 398 -23.75 -7.52 -4.10
CA THR A 398 -23.38 -8.83 -4.60
C THR A 398 -22.59 -9.59 -3.53
N GLU A 399 -22.72 -10.91 -3.54
CA GLU A 399 -21.98 -11.77 -2.62
C GLU A 399 -21.16 -12.79 -3.40
N VAL A 400 -20.01 -13.16 -2.83
CA VAL A 400 -19.03 -13.98 -3.52
C VAL A 400 -18.89 -15.32 -2.82
N GLN A 401 -18.57 -16.34 -3.61
CA GLN A 401 -18.17 -17.64 -3.08
C GLN A 401 -16.69 -17.60 -2.73
N GLY A 402 -16.34 -18.12 -1.55
CA GLY A 402 -14.96 -18.18 -1.12
C GLY A 402 -14.75 -19.41 -0.27
N ARG A 403 -13.52 -19.56 0.22
CA ARG A 403 -13.18 -20.69 1.07
C ARG A 403 -12.25 -20.25 2.18
N ILE A 404 -12.38 -20.90 3.33
CA ILE A 404 -11.57 -20.63 4.51
C ILE A 404 -10.56 -21.76 4.66
N ILE A 405 -9.28 -21.41 4.72
CA ILE A 405 -8.23 -22.40 4.87
C ILE A 405 -8.28 -22.99 6.28
N GLY A 406 -8.01 -24.29 6.39
CA GLY A 406 -7.97 -24.91 7.70
C GLY A 406 -6.83 -24.38 8.55
N GLN A 407 -6.99 -24.54 9.86
CA GLN A 407 -5.98 -24.08 10.80
C GLN A 407 -4.66 -24.80 10.56
N GLN A 408 -3.56 -24.07 10.70
CA GLN A 408 -2.23 -24.61 10.51
C GLN A 408 -1.60 -24.93 11.85
N ASN A 409 -0.62 -25.84 11.83
CA ASN A 409 0.03 -26.34 13.03
C ASN A 409 1.37 -25.64 13.26
N ILE A 410 1.53 -25.06 14.43
CA ILE A 410 2.76 -24.40 14.86
C ILE A 410 3.59 -25.41 15.63
N VAL A 411 4.83 -25.61 15.20
CA VAL A 411 5.71 -26.65 15.73
C VAL A 411 6.69 -26.04 16.72
N PHE A 412 6.94 -26.76 17.82
CA PHE A 412 7.97 -26.38 18.78
C PHE A 412 8.87 -27.60 19.01
N HIS A 413 9.88 -27.44 19.86
CA HIS A 413 10.61 -28.59 20.35
C HIS A 413 9.70 -29.40 21.26
N ASN A 414 9.61 -30.71 21.02
CA ASN A 414 8.70 -31.62 21.72
C ASN A 414 7.25 -31.14 21.57
N GLY A 415 6.71 -31.34 20.37
CA GLY A 415 5.29 -31.22 20.13
C GLY A 415 4.94 -30.06 19.20
N LYS A 416 3.66 -30.02 18.86
CA LYS A 416 3.11 -28.96 18.03
C LYS A 416 1.65 -28.75 18.39
N VAL A 417 1.16 -27.54 18.10
CA VAL A 417 -0.16 -27.10 18.54
C VAL A 417 -0.91 -26.55 17.33
N PRO A 418 -2.23 -26.55 17.37
CA PRO A 418 -3.00 -25.84 16.34
C PRO A 418 -3.14 -24.36 16.64
N ALA A 419 -3.27 -23.58 15.57
CA ALA A 419 -3.29 -22.12 15.69
C ALA A 419 -4.55 -21.65 16.41
N GLY A 420 -5.70 -22.22 16.09
CA GLY A 420 -6.96 -21.82 16.69
C GLY A 420 -7.83 -21.06 15.70
N GLU A 421 -9.13 -21.04 15.99
CA GLU A 421 -10.07 -20.29 15.17
C GLU A 421 -9.69 -18.81 15.14
N ASN A 422 -9.33 -18.25 16.30
CA ASN A 422 -8.63 -16.97 16.34
C ASN A 422 -7.14 -17.26 16.15
N ALA A 423 -6.61 -16.95 14.97
CA ALA A 423 -5.26 -17.37 14.61
C ALA A 423 -4.19 -16.71 15.46
N ASP A 424 -4.21 -16.98 16.77
CA ASP A 424 -3.22 -16.48 17.70
C ASP A 424 -2.85 -17.60 18.65
N TRP A 425 -1.55 -17.79 18.89
CA TRP A 425 -1.06 -18.86 19.74
C TRP A 425 -0.20 -18.33 20.88
N GLN A 426 -0.45 -17.08 21.29
CA GLN A 426 0.32 -16.49 22.37
C GLN A 426 0.08 -17.21 23.69
N ARG A 427 -1.13 -17.74 23.89
CA ARG A 427 -1.43 -18.50 25.10
C ARG A 427 -0.68 -19.81 25.19
N HIS A 428 0.04 -20.21 24.15
CA HIS A 428 0.56 -21.58 24.06
C HIS A 428 2.04 -21.71 24.43
N PHE A 429 2.89 -20.70 24.24
CA PHE A 429 4.25 -20.92 24.70
C PHE A 429 4.38 -20.83 26.22
N ARG A 430 3.36 -20.34 26.91
CA ARG A 430 3.31 -20.53 28.36
C ARG A 430 3.29 -22.03 28.65
N ASP A 431 4.36 -22.52 29.26
CA ASP A 431 4.60 -23.95 29.45
C ASP A 431 4.81 -24.66 28.10
N GLN A 432 5.76 -24.15 27.32
CA GLN A 432 6.16 -24.73 26.05
C GLN A 432 7.54 -24.19 25.70
N ARG A 433 8.32 -25.03 25.02
CA ARG A 433 9.72 -24.73 24.74
C ARG A 433 9.90 -24.35 23.26
N MET A 434 10.85 -23.45 23.01
CA MET A 434 11.08 -22.96 21.66
C MET A 434 11.72 -24.04 20.78
N LEU A 435 11.56 -23.87 19.47
CA LEU A 435 12.01 -24.87 18.51
C LEU A 435 13.53 -24.99 18.51
N THR A 436 14.23 -23.90 18.23
CA THR A 436 15.68 -23.91 18.15
C THR A 436 16.23 -22.97 19.21
N THR A 437 17.10 -23.50 20.07
CA THR A 437 17.73 -22.74 21.14
C THR A 437 19.22 -23.03 21.15
N PRO A 438 20.06 -22.00 21.28
CA PRO A 438 21.49 -22.25 21.38
C PRO A 438 21.81 -23.11 22.59
N SER A 439 22.54 -24.20 22.37
CA SER A 439 22.99 -25.02 23.49
C SER A 439 23.86 -24.21 24.43
N ASP A 440 24.62 -23.26 23.90
CA ASP A 440 25.36 -22.32 24.73
C ASP A 440 24.42 -21.48 25.59
N GLY A 441 23.25 -21.13 25.06
CA GLY A 441 22.37 -20.22 25.76
C GLY A 441 22.89 -18.80 25.64
N LEU A 442 22.39 -17.93 26.53
CA LEU A 442 22.89 -16.57 26.64
C LEU A 442 24.21 -16.61 27.42
N ASP A 443 25.21 -17.23 26.81
CA ASP A 443 26.47 -17.51 27.51
C ASP A 443 27.25 -16.23 27.79
N ARG A 444 27.11 -15.21 26.95
CA ARG A 444 27.85 -13.97 27.15
C ARG A 444 27.05 -12.82 26.56
N TRP A 445 26.60 -11.91 27.41
CA TRP A 445 25.93 -10.69 26.96
C TRP A 445 26.14 -9.61 28.01
N ALA A 446 25.68 -8.40 27.70
CA ALA A 446 25.87 -7.26 28.57
C ALA A 446 24.57 -6.47 28.69
N VAL A 447 24.45 -5.72 29.77
CA VAL A 447 23.30 -4.85 30.00
C VAL A 447 23.82 -3.48 30.41
N ILE A 448 23.47 -2.45 29.64
CA ILE A 448 23.89 -1.08 29.88
C ILE A 448 22.68 -0.29 30.37
N ALA A 449 22.84 0.38 31.51
CA ALA A 449 21.74 1.10 32.14
C ALA A 449 22.33 2.20 33.02
N PRO A 450 21.57 3.25 33.32
CA PRO A 450 22.06 4.27 34.24
C PRO A 450 21.81 3.88 35.69
N GLN A 451 22.56 4.55 36.58
CA GLN A 451 22.53 4.21 37.99
C GLN A 451 21.15 4.44 38.60
N ARG A 452 20.37 5.38 38.05
CA ARG A 452 19.09 5.72 38.66
C ARG A 452 18.07 4.59 38.54
N ASN A 453 18.18 3.74 37.51
CA ASN A 453 17.15 2.78 37.17
C ASN A 453 17.55 1.34 37.45
N SER A 454 18.42 1.13 38.44
CA SER A 454 18.87 -0.21 38.77
C SER A 454 17.73 -1.09 39.28
N HIS A 455 16.77 -0.51 39.99
CA HIS A 455 15.65 -1.28 40.52
C HIS A 455 14.80 -1.86 39.40
N GLU A 456 14.36 -1.01 38.47
CA GLU A 456 13.59 -1.48 37.33
C GLU A 456 14.41 -2.40 36.44
N LEU A 457 15.72 -2.17 36.34
CA LEU A 457 16.56 -3.08 35.58
C LEU A 457 16.58 -4.47 36.21
N ARG A 458 16.67 -4.54 37.54
CA ARG A 458 16.66 -5.84 38.21
C ARG A 458 15.32 -6.54 38.04
N THR A 459 14.23 -5.77 38.09
CA THR A 459 12.91 -6.36 37.84
C THR A 459 12.84 -6.94 36.44
N LEU A 460 13.26 -6.16 35.44
CA LEU A 460 13.27 -6.63 34.06
C LEU A 460 14.13 -7.88 33.89
N LEU A 461 15.30 -7.91 34.53
CA LEU A 461 16.21 -9.04 34.37
C LEU A 461 15.65 -10.29 35.04
N ASP A 462 15.01 -10.15 36.20
CA ASP A 462 14.35 -11.30 36.82
C ASP A 462 13.25 -11.85 35.92
N SER A 463 12.42 -10.96 35.37
CA SER A 463 11.38 -11.42 34.46
C SER A 463 11.97 -12.11 33.24
N LEU A 464 13.08 -11.59 32.73
CA LEU A 464 13.74 -12.19 31.57
C LEU A 464 14.26 -13.59 31.90
N TYR A 465 14.96 -13.73 33.02
CA TYR A 465 15.43 -15.05 33.44
C TYR A 465 14.28 -16.03 33.50
N ARG A 466 13.22 -15.68 34.24
CA ARG A 466 12.09 -16.59 34.41
C ARG A 466 11.48 -16.98 33.08
N ALA A 467 11.18 -15.98 32.23
CA ALA A 467 10.48 -16.24 30.98
C ALA A 467 11.33 -17.04 30.02
N ALA A 468 12.59 -16.65 29.83
CA ALA A 468 13.45 -17.36 28.90
C ALA A 468 13.75 -18.78 29.37
N SER A 469 13.83 -19.01 30.69
CA SER A 469 13.96 -20.37 31.18
C SER A 469 12.69 -21.16 30.89
N GLY A 470 11.52 -20.55 31.09
CA GLY A 470 10.28 -21.20 30.72
C GLY A 470 10.16 -21.48 29.24
N MET A 471 10.88 -20.74 28.41
CA MET A 471 10.87 -20.95 26.97
C MET A 471 11.92 -21.94 26.50
N GLY A 472 12.83 -22.35 27.37
CA GLY A 472 13.95 -23.20 26.98
C GLY A 472 15.23 -22.47 26.70
N LEU A 473 15.28 -21.16 26.93
CA LEU A 473 16.46 -20.34 26.63
C LEU A 473 17.27 -20.17 27.91
N ARG A 474 18.41 -20.86 27.98
CA ARG A 474 19.30 -20.75 29.14
C ARG A 474 19.94 -19.38 29.16
N ILE A 475 19.56 -18.55 30.11
CA ILE A 475 20.13 -17.21 30.28
C ILE A 475 20.94 -17.21 31.57
N ARG A 476 22.16 -16.70 31.49
CA ARG A 476 23.02 -16.49 32.63
C ARG A 476 23.14 -14.99 32.91
N SER A 477 23.87 -14.63 33.94
CA SER A 477 23.93 -13.25 34.37
C SER A 477 24.77 -12.42 33.42
N PRO A 478 24.25 -11.30 32.91
CA PRO A 478 24.99 -10.49 31.94
C PRO A 478 26.07 -9.64 32.62
N GLN A 479 26.77 -8.86 31.81
CA GLN A 479 27.78 -7.94 32.30
C GLN A 479 27.12 -6.62 32.69
N GLU A 480 27.34 -6.21 33.94
CA GLU A 480 26.79 -4.96 34.46
C GLU A 480 27.54 -3.78 33.85
N PHE A 481 26.83 -2.88 33.18
CA PHE A 481 27.40 -1.66 32.61
C PHE A 481 26.53 -0.49 33.08
N ILE A 482 26.87 0.04 34.25
CA ILE A 482 26.11 1.12 34.87
C ILE A 482 26.79 2.44 34.53
N ILE A 483 26.09 3.29 33.81
CA ILE A 483 26.56 4.62 33.49
C ILE A 483 25.92 5.61 34.46
N TYR A 484 26.36 6.87 34.39
CA TYR A 484 25.90 7.91 35.28
C TYR A 484 24.80 8.76 34.65
N ASP A 485 25.09 9.37 33.51
CA ASP A 485 24.10 10.17 32.80
C ASP A 485 23.34 9.33 31.78
N ASP A 486 22.11 9.74 31.48
CA ASP A 486 21.31 9.10 30.46
C ASP A 486 21.57 9.66 29.07
N ARG A 487 22.67 10.37 28.89
CA ARG A 487 23.01 10.99 27.62
C ARG A 487 23.32 9.92 26.57
N THR A 488 23.37 10.36 25.31
CA THR A 488 23.63 9.43 24.21
C THR A 488 25.10 9.02 24.17
N GLY A 489 26.00 9.99 24.35
CA GLY A 489 27.43 9.67 24.34
C GLY A 489 27.84 8.68 25.40
N THR A 490 27.17 8.72 26.56
CA THR A 490 27.48 7.75 27.60
C THR A 490 27.14 6.33 27.18
N TYR A 491 25.95 6.15 26.57
CA TYR A 491 25.59 4.85 26.03
C TYR A 491 26.57 4.40 24.96
N VAL A 492 26.95 5.31 24.06
CA VAL A 492 27.87 4.94 22.98
C VAL A 492 29.22 4.49 23.55
N ARG A 493 29.74 5.24 24.52
CA ARG A 493 31.02 4.89 25.13
C ARG A 493 30.93 3.57 25.88
N ALA A 494 29.83 3.33 26.59
CA ALA A 494 29.65 2.05 27.27
C ALA A 494 29.62 0.90 26.26
N MET A 495 28.94 1.08 25.13
CA MET A 495 28.90 0.05 24.10
C MET A 495 30.30 -0.23 23.55
N ASP A 496 31.04 0.84 23.24
CA ASP A 496 32.37 0.66 22.66
C ASP A 496 33.34 0.03 23.65
N ASP A 497 33.19 0.32 24.95
CA ASP A 497 34.02 -0.32 25.95
C ASP A 497 33.59 -1.75 26.22
N CYS A 498 32.32 -2.08 25.96
CA CYS A 498 31.82 -3.41 26.27
C CYS A 498 32.08 -4.40 25.13
N VAL A 499 32.02 -3.93 23.88
CA VAL A 499 32.20 -4.81 22.73
C VAL A 499 33.54 -5.55 22.79
N ARG A 500 34.53 -4.95 23.47
CA ARG A 500 35.85 -5.58 23.56
C ARG A 500 35.79 -6.99 24.12
N SER A 501 34.79 -7.29 24.95
CA SER A 501 34.63 -8.63 25.51
C SER A 501 33.89 -9.58 24.58
N ASP A 502 33.50 -9.11 23.38
CA ASP A 502 32.77 -9.89 22.40
C ASP A 502 31.49 -10.49 22.95
N PRO A 503 30.44 -9.69 23.12
CA PRO A 503 29.17 -10.21 23.64
C PRO A 503 28.25 -10.68 22.53
N LYS A 504 27.47 -11.71 22.85
CA LYS A 504 26.47 -12.21 21.90
C LYS A 504 25.33 -11.22 21.71
N LEU A 505 25.09 -10.36 22.70
CA LEU A 505 23.95 -9.47 22.66
C LEU A 505 24.17 -8.35 23.67
N ILE A 506 23.49 -7.23 23.45
CA ILE A 506 23.58 -6.06 24.33
C ILE A 506 22.17 -5.50 24.52
N LEU A 507 21.68 -5.55 25.75
CA LEU A 507 20.39 -4.97 26.10
C LEU A 507 20.61 -3.61 26.75
N CYS A 508 19.87 -2.61 26.30
CA CYS A 508 20.02 -1.23 26.78
C CYS A 508 18.69 -0.74 27.32
N LEU A 509 18.67 -0.39 28.61
CA LEU A 509 17.48 0.16 29.24
C LEU A 509 17.49 1.67 29.04
N VAL A 510 16.42 2.21 28.46
CA VAL A 510 16.36 3.63 28.12
C VAL A 510 15.32 4.32 29.00
N PRO A 511 15.42 5.64 29.21
CA PRO A 511 14.42 6.31 30.04
C PRO A 511 13.10 6.58 29.33
N ASN A 512 13.15 6.97 28.06
CA ASN A 512 11.95 7.46 27.38
C ASN A 512 11.95 6.98 25.93
N ASP A 513 11.00 7.51 25.16
CA ASP A 513 10.81 7.16 23.76
C ASP A 513 11.50 8.21 22.89
N ASN A 514 12.83 8.15 22.89
CA ASN A 514 13.67 9.11 22.18
C ASN A 514 14.24 8.45 20.94
N ALA A 515 13.87 8.98 19.77
CA ALA A 515 14.36 8.40 18.51
C ALA A 515 15.83 8.70 18.29
N GLU A 516 16.33 9.82 18.82
CA GLU A 516 17.73 10.20 18.62
C GLU A 516 18.67 9.17 19.25
N ARG A 517 18.51 8.92 20.55
CA ARG A 517 19.40 7.98 21.23
C ARG A 517 19.20 6.55 20.73
N TYR A 518 17.97 6.19 20.38
CA TYR A 518 17.72 4.85 19.85
C TYR A 518 18.44 4.64 18.52
N SER A 519 18.34 5.64 17.63
CA SER A 519 19.03 5.55 16.35
C SER A 519 20.54 5.51 16.53
N SER A 520 21.07 6.30 17.46
CA SER A 520 22.51 6.28 17.70
C SER A 520 22.96 4.92 18.24
N ILE A 521 22.17 4.34 19.14
CA ILE A 521 22.50 3.02 19.69
C ILE A 521 22.51 1.97 18.58
N LYS A 522 21.47 1.97 17.75
CA LYS A 522 21.41 0.99 16.67
C LYS A 522 22.54 1.19 15.67
N LYS A 523 22.93 2.44 15.41
CA LYS A 523 24.02 2.70 14.48
C LYS A 523 25.35 2.20 15.05
N ARG A 524 25.60 2.42 16.33
CA ARG A 524 26.83 1.91 16.92
C ARG A 524 26.82 0.39 17.02
N GLY A 525 25.65 -0.22 17.14
CA GLY A 525 25.57 -1.66 17.27
C GLY A 525 25.68 -2.43 15.99
N TYR A 526 25.04 -1.95 14.92
CA TYR A 526 24.91 -2.71 13.68
C TYR A 526 25.82 -2.22 12.57
N VAL A 527 26.05 -0.92 12.46
CA VAL A 527 26.77 -0.37 11.31
C VAL A 527 28.25 -0.30 11.61
N ASP A 528 28.61 0.37 12.72
CA ASP A 528 30.03 0.48 13.08
C ASP A 528 30.57 -0.84 13.62
N ARG A 529 29.82 -1.51 14.48
CA ARG A 529 30.17 -2.81 15.01
C ARG A 529 29.18 -3.86 14.49
N ALA A 530 29.26 -5.07 15.03
CA ALA A 530 28.40 -6.17 14.61
C ALA A 530 27.90 -6.95 15.81
N VAL A 531 27.10 -6.28 16.65
CA VAL A 531 26.54 -6.87 17.86
C VAL A 531 25.04 -6.67 17.86
N PRO A 532 24.24 -7.74 17.88
CA PRO A 532 22.78 -7.57 17.99
C PRO A 532 22.40 -6.98 19.34
N THR A 533 21.48 -6.02 19.31
CA THR A 533 21.12 -5.26 20.50
C THR A 533 19.62 -5.32 20.75
N GLN A 534 19.24 -5.03 21.99
CA GLN A 534 17.84 -5.00 22.41
C GLN A 534 17.61 -3.75 23.24
N VAL A 535 16.53 -3.03 22.94
CA VAL A 535 16.18 -1.80 23.63
C VAL A 535 14.87 -2.01 24.35
N VAL A 536 14.80 -1.54 25.60
CA VAL A 536 13.60 -1.66 26.43
C VAL A 536 13.29 -0.28 27.00
N THR A 537 12.10 0.23 26.67
CA THR A 537 11.66 1.52 27.21
C THR A 537 11.39 1.38 28.71
N LEU A 538 11.69 2.44 29.46
CA LEU A 538 11.54 2.40 30.91
C LEU A 538 10.10 2.11 31.32
N LYS A 539 9.13 2.64 30.58
CA LYS A 539 7.72 2.36 30.87
C LYS A 539 7.40 0.88 30.79
N THR A 540 8.19 0.10 30.05
CA THR A 540 7.93 -1.34 29.94
C THR A 540 8.23 -2.05 31.26
N THR A 541 9.27 -1.63 31.98
CA THR A 541 9.62 -2.30 33.22
C THR A 541 8.53 -2.13 34.28
N LYS A 542 7.91 -0.95 34.33
CA LYS A 542 6.86 -0.68 35.31
C LYS A 542 5.50 -1.26 34.91
N ASN A 543 5.44 -2.02 33.81
CA ASN A 543 4.18 -2.63 33.40
C ASN A 543 3.82 -3.78 34.32
N ARG A 544 2.52 -3.91 34.59
CA ARG A 544 2.05 -4.93 35.53
C ARG A 544 2.23 -6.34 34.95
N SER A 545 1.92 -6.52 33.67
CA SER A 545 2.08 -7.82 33.02
C SER A 545 3.48 -8.00 32.46
N LEU A 546 4.49 -7.79 33.32
CA LEU A 546 5.87 -7.84 32.88
C LEU A 546 6.31 -9.23 32.45
N MET A 547 5.60 -10.29 32.88
CA MET A 547 6.05 -11.64 32.58
C MET A 547 5.77 -12.04 31.14
N SER A 548 4.56 -11.78 30.65
CA SER A 548 4.28 -12.04 29.24
C SER A 548 5.13 -11.15 28.34
N ILE A 549 5.37 -9.91 28.77
CA ILE A 549 6.26 -9.02 28.04
C ILE A 549 7.66 -9.60 27.98
N ALA A 550 8.16 -10.13 29.10
CA ALA A 550 9.48 -10.72 29.13
C ALA A 550 9.54 -12.01 28.31
N THR A 551 8.42 -12.73 28.21
CA THR A 551 8.36 -13.89 27.33
C THR A 551 8.53 -13.47 25.87
N LYS A 552 7.79 -12.43 25.46
CA LYS A 552 7.92 -11.95 24.09
C LYS A 552 9.32 -11.37 23.85
N ILE A 553 9.91 -10.73 24.86
CA ILE A 553 11.27 -10.22 24.72
C ILE A 553 12.26 -11.37 24.59
N ALA A 554 12.04 -12.46 25.31
CA ALA A 554 12.92 -13.62 25.21
C ALA A 554 12.82 -14.26 23.84
N ILE A 555 11.62 -14.32 23.27
CA ILE A 555 11.47 -14.79 21.89
C ILE A 555 12.24 -13.87 20.94
N GLN A 556 12.09 -12.56 21.12
CA GLN A 556 12.83 -11.61 20.27
C GLN A 556 14.33 -11.81 20.41
N LEU A 557 14.81 -12.07 21.63
CA LEU A 557 16.25 -12.26 21.85
C LEU A 557 16.74 -13.53 21.19
N ASN A 558 15.98 -14.63 21.34
CA ASN A 558 16.31 -15.87 20.65
C ASN A 558 16.42 -15.64 19.15
N CYS A 559 15.52 -14.82 18.58
CA CYS A 559 15.62 -14.51 17.16
C CYS A 559 16.85 -13.66 16.85
N LYS A 560 17.13 -12.66 17.69
CA LYS A 560 18.33 -11.84 17.53
C LYS A 560 19.58 -12.69 17.49
N LEU A 561 19.58 -13.81 18.23
CA LEU A 561 20.72 -14.72 18.19
C LEU A 561 20.76 -15.56 16.92
N GLY A 562 19.66 -15.61 16.16
CA GLY A 562 19.64 -16.36 14.93
C GLY A 562 19.12 -17.78 15.10
N TYR A 563 18.13 -17.95 15.96
CA TYR A 563 17.53 -19.25 16.21
C TYR A 563 16.03 -19.16 16.01
N THR A 564 15.38 -20.33 15.96
CA THR A 564 14.01 -20.43 15.47
C THR A 564 13.05 -20.71 16.62
N PRO A 565 12.10 -19.82 16.89
CA PRO A 565 11.15 -20.10 17.99
C PRO A 565 10.11 -21.16 17.61
N TRP A 566 9.60 -21.14 16.38
CA TRP A 566 8.63 -22.13 15.95
C TRP A 566 8.72 -22.29 14.44
N MET A 567 7.91 -23.21 13.91
CA MET A 567 7.96 -23.55 12.49
C MET A 567 6.60 -24.08 12.06
N ILE A 568 6.34 -24.00 10.76
CA ILE A 568 5.09 -24.46 10.18
C ILE A 568 5.34 -25.81 9.52
N GLU A 569 4.27 -26.59 9.35
CA GLU A 569 4.34 -27.83 8.59
C GLU A 569 4.47 -27.50 7.11
N LEU A 570 5.62 -27.82 6.52
CA LEU A 570 5.95 -27.42 5.15
C LEU A 570 6.19 -28.65 4.28
N PRO A 571 5.23 -29.04 3.43
CA PRO A 571 5.41 -30.22 2.57
C PRO A 571 6.03 -29.89 1.22
N LEU A 572 7.24 -29.32 1.26
CA LEU A 572 7.97 -28.98 0.04
C LEU A 572 9.47 -29.10 0.32
N SER A 573 10.20 -29.60 -0.67
CA SER A 573 11.63 -29.85 -0.55
C SER A 573 12.41 -28.85 -1.40
N GLY A 574 13.49 -28.32 -0.85
CA GLY A 574 14.33 -27.38 -1.57
C GLY A 574 13.66 -26.09 -1.98
N LEU A 575 12.83 -25.53 -1.10
CA LEU A 575 12.11 -24.29 -1.38
C LEU A 575 12.77 -23.13 -0.66
N MET A 576 13.05 -22.07 -1.40
CA MET A 576 13.55 -20.81 -0.85
C MET A 576 12.50 -19.74 -1.06
N THR A 577 12.02 -19.17 0.03
CA THR A 577 11.03 -18.10 -0.01
C THR A 577 11.73 -16.77 0.14
N ILE A 578 11.50 -15.86 -0.80
CA ILE A 578 12.13 -14.55 -0.79
C ILE A 578 11.07 -13.48 -0.57
N GLY A 579 11.38 -12.53 0.30
CA GLY A 579 10.59 -11.33 0.44
C GLY A 579 11.46 -10.12 0.17
N PHE A 580 10.84 -9.04 -0.29
CA PHE A 580 11.59 -7.84 -0.68
C PHE A 580 10.69 -6.63 -0.50
N ASP A 581 11.23 -5.58 0.11
CA ASP A 581 10.49 -4.32 0.18
C ASP A 581 11.46 -3.14 0.17
N ILE A 582 10.89 -1.94 0.09
CA ILE A 582 11.65 -0.72 -0.07
C ILE A 582 11.15 0.32 0.92
N ALA A 583 12.01 1.29 1.22
CA ALA A 583 11.66 2.34 2.17
C ALA A 583 12.38 3.63 1.83
N LYS A 584 11.65 4.74 1.94
CA LYS A 584 12.26 6.06 1.80
C LYS A 584 13.08 6.40 3.05
N SER A 585 14.00 7.34 2.89
CA SER A 585 14.91 7.72 3.96
C SER A 585 14.47 9.04 4.59
N THR A 586 14.64 9.14 5.91
CA THR A 586 14.29 10.36 6.61
C THR A 586 15.35 11.44 6.44
N ARG A 587 16.61 11.05 6.30
CA ARG A 587 17.67 12.04 6.12
C ARG A 587 17.62 12.65 4.73
N ASP A 588 17.31 11.84 3.71
CA ASP A 588 17.28 12.30 2.32
C ASP A 588 16.14 11.59 1.61
N ARG A 589 15.18 12.36 1.11
CA ARG A 589 14.05 11.78 0.39
C ARG A 589 14.41 11.31 -1.00
N LYS A 590 15.65 11.51 -1.44
CA LYS A 590 16.10 11.10 -2.77
C LYS A 590 16.76 9.73 -2.78
N ARG A 591 16.92 9.09 -1.63
CA ARG A 591 17.48 7.76 -1.53
C ARG A 591 16.44 6.81 -0.96
N ALA A 592 16.54 5.54 -1.35
CA ALA A 592 15.64 4.51 -0.85
C ALA A 592 16.44 3.24 -0.60
N TYR A 593 16.02 2.48 0.40
CA TYR A 593 16.69 1.26 0.79
C TYR A 593 15.81 0.06 0.47
N GLY A 594 16.40 -0.93 -0.20
CA GLY A 594 15.73 -2.18 -0.52
C GLY A 594 16.27 -3.32 0.31
N ALA A 595 15.36 -4.01 1.00
CA ALA A 595 15.70 -5.13 1.89
C ALA A 595 15.14 -6.42 1.32
N LEU A 596 15.97 -7.47 1.37
CA LEU A 596 15.66 -8.78 0.83
C LEU A 596 15.92 -9.85 1.87
N ILE A 597 14.91 -10.67 2.13
CA ILE A 597 14.96 -11.77 3.09
C ILE A 597 14.76 -13.07 2.33
N ALA A 598 15.46 -14.12 2.75
CA ALA A 598 15.44 -15.39 2.02
C ALA A 598 15.51 -16.54 3.02
N SER A 599 14.55 -17.45 2.93
CA SER A 599 14.57 -18.66 3.73
C SER A 599 15.54 -19.67 3.13
N MET A 600 15.84 -20.72 3.90
CA MET A 600 16.85 -21.72 3.53
C MET A 600 16.30 -23.12 3.78
N ASP A 601 15.33 -23.54 2.96
CA ASP A 601 14.76 -24.87 3.03
C ASP A 601 14.31 -25.19 4.46
N LEU A 602 13.16 -24.58 4.79
CA LEU A 602 12.71 -24.51 6.18
C LEU A 602 12.50 -25.87 6.82
N GLN A 603 12.29 -26.93 6.02
CA GLN A 603 12.08 -28.24 6.61
C GLN A 603 13.37 -28.84 7.17
N GLN A 604 14.53 -28.32 6.79
CA GLN A 604 15.81 -28.76 7.33
C GLN A 604 16.50 -27.66 8.12
N ASN A 605 16.93 -26.59 7.45
CA ASN A 605 17.71 -25.55 8.11
C ASN A 605 16.83 -24.61 8.92
N SER A 606 15.78 -24.07 8.30
CA SER A 606 14.81 -23.20 8.98
C SER A 606 15.49 -21.95 9.56
N THR A 607 16.31 -21.30 8.74
CA THR A 607 16.89 -20.01 9.08
C THR A 607 16.70 -19.04 7.91
N TYR A 608 17.09 -17.79 8.12
CA TYR A 608 16.82 -16.74 7.16
C TYR A 608 18.07 -15.89 6.94
N PHE A 609 18.17 -15.35 5.73
CA PHE A 609 19.30 -14.54 5.30
C PHE A 609 18.76 -13.18 4.87
N SER A 610 19.35 -12.10 5.39
CA SER A 610 18.79 -10.76 5.21
C SER A 610 19.87 -9.80 4.73
N THR A 611 19.59 -9.11 3.62
CA THR A 611 20.49 -8.08 3.10
C THR A 611 19.70 -6.80 2.85
N VAL A 612 20.42 -5.68 2.86
CA VAL A 612 19.87 -4.39 2.47
C VAL A 612 20.86 -3.72 1.53
N THR A 613 20.32 -2.87 0.66
CA THR A 613 21.18 -2.06 -0.20
C THR A 613 20.47 -0.77 -0.56
N GLU A 614 21.26 0.24 -0.91
CA GLU A 614 20.69 1.50 -1.37
C GLU A 614 20.33 1.43 -2.86
N CYS A 615 19.44 2.32 -3.27
N CYS A 615 19.46 2.34 -3.27
CA CYS A 615 18.99 2.36 -4.66
CA CYS A 615 19.05 2.52 -4.65
C CYS A 615 19.94 3.15 -5.54
C CYS A 615 20.23 2.56 -5.63
N ALA A 622 21.27 0.51 -13.20
CA ALA A 622 21.95 -0.37 -12.26
C ALA A 622 20.95 -0.97 -11.27
N ASN A 623 20.35 -2.10 -11.66
CA ASN A 623 19.43 -2.81 -10.78
C ASN A 623 20.19 -3.38 -9.59
N THR A 624 19.84 -2.93 -8.39
CA THR A 624 20.55 -3.29 -7.17
C THR A 624 19.94 -4.49 -6.46
N LEU A 625 18.85 -5.05 -6.98
CA LEU A 625 18.18 -6.17 -6.32
C LEU A 625 18.84 -7.50 -6.67
N TRP A 626 19.28 -7.65 -7.92
CA TRP A 626 19.92 -8.90 -8.31
C TRP A 626 21.18 -9.22 -7.52
N PRO A 627 22.05 -8.26 -7.17
CA PRO A 627 23.17 -8.60 -6.27
C PRO A 627 22.71 -9.24 -4.98
N MET A 628 21.64 -8.74 -4.37
CA MET A 628 21.13 -9.33 -3.14
C MET A 628 20.59 -10.73 -3.39
N ILE A 629 19.89 -10.94 -4.50
CA ILE A 629 19.38 -12.29 -4.79
C ILE A 629 20.54 -13.25 -4.99
N ALA A 630 21.61 -12.79 -5.65
CA ALA A 630 22.78 -13.64 -5.85
C ALA A 630 23.45 -13.98 -4.53
N LYS A 631 23.56 -13.00 -3.64
CA LYS A 631 24.11 -13.28 -2.31
C LYS A 631 23.27 -14.32 -1.58
N ALA A 632 21.95 -14.20 -1.67
CA ALA A 632 21.07 -15.17 -1.01
C ALA A 632 21.28 -16.58 -1.57
N LEU A 633 21.36 -16.70 -2.90
CA LEU A 633 21.58 -18.02 -3.50
C LEU A 633 22.94 -18.58 -3.10
N ARG A 634 23.97 -17.74 -3.05
CA ARG A 634 25.30 -18.18 -2.66
C ARG A 634 25.30 -18.69 -1.23
N GLN A 635 24.66 -17.96 -0.31
CA GLN A 635 24.56 -18.43 1.07
C GLN A 635 23.80 -19.75 1.14
N TYR A 636 22.74 -19.88 0.34
CA TYR A 636 21.96 -21.11 0.34
C TYR A 636 22.81 -22.30 -0.08
N GLN A 637 23.61 -22.14 -1.14
CA GLN A 637 24.44 -23.26 -1.59
C GLN A 637 25.62 -23.50 -0.64
N HIS A 638 26.08 -22.47 0.04
CA HIS A 638 27.14 -22.66 1.04
C HIS A 638 26.62 -23.36 2.28
N GLU A 639 25.32 -23.28 2.56
CA GLU A 639 24.73 -23.97 3.70
C GLU A 639 24.14 -25.33 3.35
N HIS A 640 23.81 -25.58 2.08
CA HIS A 640 23.17 -26.82 1.68
C HIS A 640 23.95 -27.59 0.62
N ARG A 641 25.11 -27.10 0.17
CA ARG A 641 25.90 -27.74 -0.88
C ARG A 641 25.09 -27.95 -2.15
N LYS A 642 24.07 -27.12 -2.37
CA LYS A 642 23.20 -27.20 -3.54
C LYS A 642 22.33 -25.96 -3.59
N LEU A 643 21.88 -25.62 -4.79
CA LEU A 643 20.97 -24.51 -4.99
C LEU A 643 19.54 -24.95 -4.74
N PRO A 644 18.62 -24.01 -4.49
CA PRO A 644 17.24 -24.40 -4.22
C PRO A 644 16.52 -24.85 -5.49
N SER A 645 15.60 -25.80 -5.31
CA SER A 645 14.86 -26.35 -6.46
C SER A 645 13.67 -25.48 -6.81
N ARG A 646 13.00 -24.90 -5.82
CA ARG A 646 11.86 -24.02 -6.03
C ARG A 646 12.10 -22.70 -5.31
N ILE A 647 11.57 -21.62 -5.89
CA ILE A 647 11.70 -20.28 -5.33
C ILE A 647 10.35 -19.59 -5.40
N VAL A 648 9.89 -19.07 -4.26
CA VAL A 648 8.67 -18.27 -4.19
C VAL A 648 9.07 -16.86 -3.78
N PHE A 649 8.92 -15.92 -4.70
CA PHE A 649 9.33 -14.53 -4.52
C PHE A 649 8.09 -13.69 -4.21
N TYR A 650 8.09 -13.04 -3.05
CA TYR A 650 6.99 -12.16 -2.65
C TYR A 650 7.47 -10.71 -2.78
N ARG A 651 6.74 -9.93 -3.57
CA ARG A 651 7.12 -8.57 -3.92
C ARG A 651 6.12 -7.58 -3.34
N ASP A 652 6.63 -6.56 -2.66
CA ASP A 652 5.80 -5.53 -2.04
C ASP A 652 5.80 -4.30 -2.95
N GLY A 653 4.64 -3.99 -3.53
CA GLY A 653 4.53 -2.87 -4.43
C GLY A 653 3.12 -2.63 -4.95
N VAL A 654 3.02 -1.98 -6.10
CA VAL A 654 1.74 -1.65 -6.73
C VAL A 654 0.84 -0.87 -5.78
N GLY A 657 -2.50 -0.91 -14.52
CA GLY A 657 -1.55 -0.38 -13.56
C GLY A 657 -0.11 -0.57 -13.98
N SER A 658 0.82 -0.29 -13.07
CA SER A 658 2.26 -0.43 -13.32
C SER A 658 2.71 -1.88 -13.39
N LEU A 659 1.78 -2.82 -13.43
CA LEU A 659 2.12 -4.23 -13.54
C LEU A 659 3.05 -4.49 -14.72
N LYS A 660 2.68 -3.97 -15.89
CA LYS A 660 3.46 -4.22 -17.10
C LYS A 660 4.93 -3.83 -16.91
N GLN A 661 5.17 -2.67 -16.31
CA GLN A 661 6.54 -2.20 -16.13
C GLN A 661 7.31 -3.12 -15.18
N LEU A 662 6.78 -3.34 -13.97
CA LEU A 662 7.50 -4.16 -13.02
C LEU A 662 7.55 -5.61 -13.46
N PHE A 663 6.47 -6.11 -14.06
CA PHE A 663 6.50 -7.45 -14.67
C PHE A 663 7.70 -7.53 -15.59
N GLU A 664 7.67 -6.78 -16.69
CA GLU A 664 8.75 -6.82 -17.68
C GLU A 664 10.10 -6.76 -17.00
N PHE A 665 10.43 -5.60 -16.41
CA PHE A 665 11.78 -5.42 -15.88
C PHE A 665 12.13 -6.50 -14.85
N GLU A 666 11.43 -6.51 -13.72
CA GLU A 666 11.80 -7.39 -12.62
C GLU A 666 11.78 -8.85 -13.04
N VAL A 667 10.62 -9.34 -13.52
CA VAL A 667 10.48 -10.77 -13.78
C VAL A 667 11.41 -11.22 -14.90
N LYS A 668 11.52 -10.43 -15.98
CA LYS A 668 12.37 -10.83 -17.09
C LYS A 668 13.83 -10.90 -16.66
N ASP A 669 14.33 -9.85 -15.99
CA ASP A 669 15.71 -9.88 -15.52
C ASP A 669 15.93 -11.00 -14.52
N ILE A 670 14.93 -11.27 -13.67
CA ILE A 670 15.05 -12.34 -12.68
C ILE A 670 15.19 -13.68 -13.36
N ILE A 671 14.36 -13.94 -14.36
CA ILE A 671 14.40 -15.24 -15.03
C ILE A 671 15.69 -15.41 -15.82
N GLU A 672 16.11 -14.37 -16.53
CA GLU A 672 17.36 -14.46 -17.29
C GLU A 672 18.55 -14.69 -16.38
N LYS A 673 18.61 -13.95 -15.26
CA LYS A 673 19.73 -14.09 -14.35
C LYS A 673 19.67 -15.35 -13.52
N LEU A 674 18.49 -15.92 -13.30
CA LEU A 674 18.41 -17.25 -12.70
C LEU A 674 18.93 -18.31 -13.67
N LYS A 675 18.55 -18.20 -14.95
CA LYS A 675 19.16 -19.04 -15.98
C LYS A 675 20.68 -18.96 -15.90
N THR A 676 21.22 -17.74 -15.83
CA THR A 676 22.66 -17.56 -15.81
C THR A 676 23.30 -18.17 -14.56
N GLU A 677 22.72 -17.90 -13.39
CA GLU A 677 23.31 -18.40 -12.14
C GLU A 677 23.27 -19.93 -12.07
N TYR A 678 22.18 -20.54 -12.51
CA TYR A 678 22.13 -21.99 -12.52
C TYR A 678 23.01 -22.59 -13.62
N ALA A 679 23.24 -21.83 -14.70
CA ALA A 679 24.16 -22.29 -15.73
C ALA A 679 25.61 -22.25 -15.22
N ARG A 680 25.90 -21.36 -14.27
CA ARG A 680 27.22 -21.38 -13.63
C ARG A 680 27.48 -22.76 -13.03
N VAL A 681 26.47 -23.34 -12.40
CA VAL A 681 26.53 -24.72 -11.94
C VAL A 681 26.05 -25.71 -13.01
N GLN A 682 25.94 -25.27 -14.27
CA GLN A 682 25.47 -26.10 -15.38
C GLN A 682 24.16 -26.80 -15.08
N LEU A 683 23.31 -26.15 -14.30
CA LEU A 683 22.00 -26.66 -13.92
C LEU A 683 20.91 -25.90 -14.65
N SER A 684 19.77 -26.57 -14.81
CA SER A 684 18.60 -25.93 -15.37
C SER A 684 18.00 -24.94 -14.37
N PRO A 685 17.35 -23.89 -14.85
CA PRO A 685 16.82 -22.88 -13.94
C PRO A 685 15.66 -23.45 -13.11
N PRO A 686 15.45 -22.93 -11.91
CA PRO A 686 14.50 -23.56 -10.99
C PRO A 686 13.06 -23.14 -11.25
N GLN A 687 12.15 -23.88 -10.63
CA GLN A 687 10.74 -23.48 -10.63
C GLN A 687 10.58 -22.18 -9.86
N LEU A 688 9.94 -21.20 -10.50
CA LEU A 688 9.86 -19.85 -9.96
C LEU A 688 8.41 -19.40 -9.90
N ALA A 689 8.03 -18.83 -8.75
CA ALA A 689 6.74 -18.16 -8.58
C ALA A 689 7.02 -16.72 -8.17
N TYR A 690 6.53 -15.77 -8.95
CA TYR A 690 6.70 -14.35 -8.68
C TYR A 690 5.34 -13.76 -8.35
N ILE A 691 5.15 -13.35 -7.10
CA ILE A 691 3.87 -12.87 -6.61
C ILE A 691 4.04 -11.45 -6.09
N VAL A 692 3.16 -10.56 -6.51
CA VAL A 692 3.14 -9.18 -6.06
C VAL A 692 2.11 -9.06 -4.95
N VAL A 693 2.54 -8.61 -3.77
CA VAL A 693 1.70 -8.55 -2.58
C VAL A 693 1.24 -7.11 -2.39
N THR A 694 -0.08 -6.90 -2.41
CA THR A 694 -0.67 -5.57 -2.31
C THR A 694 -1.75 -5.57 -1.26
N ARG A 695 -1.67 -4.61 -0.33
CA ARG A 695 -2.71 -4.42 0.69
C ARG A 695 -3.81 -3.57 0.07
N SER A 696 -4.84 -4.24 -0.44
CA SER A 696 -5.90 -3.59 -1.20
C SER A 696 -6.94 -3.04 -0.22
N MET A 697 -6.73 -1.80 0.21
CA MET A 697 -7.73 -1.09 1.00
C MET A 697 -8.92 -0.65 0.17
N ASN A 698 -8.90 -0.89 -1.14
CA ASN A 698 -9.99 -0.46 -2.01
C ASN A 698 -11.11 -1.48 -2.06
N THR A 699 -10.76 -2.77 -2.06
CA THR A 699 -11.72 -3.85 -2.16
C THR A 699 -11.83 -4.58 -0.83
N ARG A 700 -13.04 -4.69 -0.31
CA ARG A 700 -13.31 -5.37 0.95
C ARG A 700 -14.42 -6.39 0.75
N PHE A 701 -14.55 -7.29 1.72
CA PHE A 701 -15.64 -8.26 1.75
C PHE A 701 -15.75 -8.79 3.17
N PHE A 702 -16.97 -9.22 3.53
CA PHE A 702 -17.26 -9.60 4.90
C PHE A 702 -18.10 -10.86 4.92
N LEU A 703 -18.10 -11.53 6.07
CA LEU A 703 -18.88 -12.75 6.30
C LEU A 703 -19.97 -12.45 7.32
N ASN A 704 -21.22 -12.65 6.91
CA ASN A 704 -22.38 -12.39 7.77
C ASN A 704 -22.31 -11.00 8.39
N GLY A 705 -21.89 -10.03 7.58
CA GLY A 705 -21.76 -8.66 8.02
C GLY A 705 -20.62 -8.38 8.98
N GLN A 706 -19.68 -9.30 9.14
CA GLN A 706 -18.61 -9.15 10.10
C GLN A 706 -17.26 -9.44 9.44
N ASN A 707 -16.20 -9.11 10.17
CA ASN A 707 -14.85 -9.31 9.68
C ASN A 707 -14.60 -10.80 9.42
N PRO A 708 -14.08 -11.16 8.24
CA PRO A 708 -13.89 -12.58 7.95
C PRO A 708 -12.81 -13.18 8.84
N PRO A 709 -12.91 -14.46 9.16
CA PRO A 709 -11.89 -15.10 10.01
C PRO A 709 -10.60 -15.30 9.23
N PRO A 710 -9.48 -15.44 9.92
CA PRO A 710 -8.21 -15.72 9.22
C PRO A 710 -8.31 -16.97 8.36
N GLY A 711 -7.71 -16.91 7.17
CA GLY A 711 -7.71 -18.01 6.24
C GLY A 711 -8.74 -17.91 5.13
N THR A 712 -9.54 -16.85 5.10
CA THR A 712 -10.57 -16.70 4.08
C THR A 712 -9.93 -16.30 2.75
N ILE A 713 -10.48 -16.82 1.66
CA ILE A 713 -9.90 -16.65 0.33
C ILE A 713 -11.00 -16.42 -0.68
N VAL A 714 -10.84 -15.39 -1.50
CA VAL A 714 -11.67 -15.15 -2.68
C VAL A 714 -10.79 -15.32 -3.90
N ASP A 715 -11.16 -16.25 -4.79
CA ASP A 715 -10.34 -16.52 -5.98
C ASP A 715 -11.20 -16.36 -7.24
N ASP A 716 -10.87 -15.36 -8.05
CA ASP A 716 -11.33 -15.24 -9.44
C ASP A 716 -12.85 -15.06 -9.53
N VAL A 717 -13.36 -14.06 -8.82
CA VAL A 717 -14.73 -13.60 -9.01
C VAL A 717 -14.73 -12.07 -9.03
N ILE A 718 -14.29 -11.46 -7.93
CA ILE A 718 -14.09 -10.01 -7.90
C ILE A 718 -12.67 -9.61 -8.30
N THR A 719 -11.81 -10.57 -8.59
CA THR A 719 -10.44 -10.27 -8.98
C THR A 719 -10.40 -9.76 -10.42
N LEU A 720 -9.24 -9.26 -10.80
CA LEU A 720 -9.07 -8.76 -12.16
C LEU A 720 -9.08 -9.93 -13.15
N PRO A 721 -9.70 -9.77 -14.31
CA PRO A 721 -9.84 -10.91 -15.22
C PRO A 721 -8.53 -11.35 -15.85
N GLU A 722 -7.67 -10.41 -16.26
CA GLU A 722 -6.45 -10.78 -16.95
C GLU A 722 -5.42 -11.40 -16.01
N ARG A 723 -5.46 -11.03 -14.73
CA ARG A 723 -4.45 -11.47 -13.77
C ARG A 723 -4.80 -12.82 -13.17
N TYR A 724 -3.77 -13.64 -12.97
CA TYR A 724 -3.87 -14.83 -12.12
C TYR A 724 -3.55 -14.38 -10.70
N ASP A 725 -4.58 -14.11 -9.91
CA ASP A 725 -4.39 -13.55 -8.59
C ASP A 725 -5.55 -13.95 -7.70
N PHE A 726 -5.45 -13.58 -6.42
CA PHE A 726 -6.49 -13.88 -5.45
C PHE A 726 -6.38 -12.92 -4.28
N TYR A 727 -7.39 -12.98 -3.40
CA TYR A 727 -7.40 -12.25 -2.15
C TYR A 727 -7.30 -13.24 -0.99
N LEU A 728 -6.69 -12.78 0.10
CA LEU A 728 -6.54 -13.59 1.29
C LEU A 728 -6.65 -12.71 2.52
N VAL A 729 -7.43 -13.17 3.49
CA VAL A 729 -7.49 -12.57 4.81
C VAL A 729 -6.73 -13.50 5.74
N SER A 730 -5.60 -13.04 6.27
CA SER A 730 -4.75 -13.85 7.13
C SER A 730 -4.72 -13.36 8.57
N GLN A 731 -4.78 -12.05 8.78
CA GLN A 731 -4.69 -11.46 10.12
C GLN A 731 -6.05 -10.93 10.52
N GLN A 732 -6.63 -11.51 11.57
CA GLN A 732 -7.87 -10.99 12.11
C GLN A 732 -7.62 -9.67 12.83
N VAL A 733 -8.63 -8.80 12.81
CA VAL A 733 -8.55 -7.50 13.45
C VAL A 733 -9.59 -7.45 14.56
N ARG A 734 -9.16 -7.01 15.75
CA ARG A 734 -10.10 -6.84 16.85
C ARG A 734 -11.05 -5.68 16.58
N GLN A 735 -10.51 -4.52 16.25
CA GLN A 735 -11.29 -3.33 15.92
C GLN A 735 -10.96 -2.86 14.52
N GLY A 736 -11.90 -2.16 13.91
CA GLY A 736 -11.72 -1.65 12.56
C GLY A 736 -12.27 -2.58 11.50
N THR A 737 -11.92 -2.26 10.26
CA THR A 737 -12.34 -3.03 9.11
C THR A 737 -11.14 -3.75 8.50
N VAL A 738 -11.35 -4.98 8.05
CA VAL A 738 -10.25 -5.77 7.49
C VAL A 738 -9.88 -5.21 6.11
N SER A 739 -8.58 -5.11 5.87
CA SER A 739 -8.07 -4.84 4.53
C SER A 739 -7.47 -6.14 4.00
N PRO A 740 -8.13 -6.84 3.08
CA PRO A 740 -7.58 -8.11 2.59
C PRO A 740 -6.32 -7.89 1.77
N THR A 741 -5.44 -8.88 1.78
CA THR A 741 -4.22 -8.82 1.00
C THR A 741 -4.46 -9.41 -0.38
N SER A 742 -3.93 -8.74 -1.40
CA SER A 742 -4.08 -9.17 -2.79
C SER A 742 -2.76 -9.77 -3.26
N TYR A 743 -2.78 -11.06 -3.59
CA TYR A 743 -1.60 -11.76 -4.08
C TYR A 743 -1.77 -11.98 -5.58
N ASN A 744 -0.86 -11.40 -6.36
CA ASN A 744 -0.93 -11.39 -7.82
C ASN A 744 0.25 -12.17 -8.38
N VAL A 745 -0.03 -13.35 -8.94
CA VAL A 745 1.00 -14.23 -9.45
C VAL A 745 1.28 -13.84 -10.90
N LEU A 746 2.34 -13.06 -11.10
CA LEU A 746 2.71 -12.66 -12.46
C LEU A 746 3.26 -13.83 -13.25
N TYR A 747 4.23 -14.54 -12.68
CA TYR A 747 4.80 -15.72 -13.33
C TYR A 747 4.77 -16.90 -12.38
N SER A 748 4.53 -18.09 -12.95
CA SER A 748 4.49 -19.32 -12.15
C SER A 748 4.94 -20.49 -13.01
N SER A 749 6.05 -21.10 -12.63
CA SER A 749 6.52 -22.36 -13.20
C SER A 749 6.66 -23.42 -12.11
N MET A 750 5.82 -23.34 -11.08
CA MET A 750 5.97 -24.18 -9.89
C MET A 750 5.36 -25.56 -10.06
N GLY A 751 4.37 -25.71 -10.95
CA GLY A 751 3.64 -26.95 -11.02
C GLY A 751 2.79 -27.22 -9.81
N LEU A 752 2.24 -26.18 -9.20
CA LEU A 752 1.37 -26.30 -8.03
C LEU A 752 -0.02 -25.79 -8.37
N SER A 753 -1.04 -26.49 -7.89
CA SER A 753 -2.41 -26.04 -8.06
C SER A 753 -2.60 -24.70 -7.37
N PRO A 754 -3.56 -23.88 -7.84
CA PRO A 754 -3.77 -22.58 -7.18
C PRO A 754 -4.11 -22.69 -5.72
N GLU A 755 -4.91 -23.70 -5.34
CA GLU A 755 -5.22 -23.93 -3.93
C GLU A 755 -3.95 -24.23 -3.14
N LYS A 756 -3.02 -24.99 -3.74
CA LYS A 756 -1.77 -25.29 -3.05
C LYS A 756 -0.91 -24.04 -2.87
N MET A 757 -0.86 -23.18 -3.88
CA MET A 757 -0.14 -21.91 -3.74
C MET A 757 -0.75 -21.05 -2.64
N GLN A 758 -2.08 -20.99 -2.60
CA GLN A 758 -2.74 -20.21 -1.56
C GLN A 758 -2.48 -20.78 -0.18
N LYS A 759 -2.49 -22.11 -0.04
CA LYS A 759 -2.20 -22.72 1.26
C LYS A 759 -0.75 -22.46 1.67
N LEU A 760 0.18 -22.51 0.71
CA LEU A 760 1.58 -22.22 1.01
C LEU A 760 1.75 -20.77 1.47
N THR A 761 1.02 -19.84 0.83
CA THR A 761 1.11 -18.44 1.24
C THR A 761 0.52 -18.24 2.63
N TYR A 762 -0.61 -18.88 2.92
CA TYR A 762 -1.18 -18.79 4.26
C TYR A 762 -0.24 -19.37 5.30
N LYS A 763 0.47 -20.45 4.94
CA LYS A 763 1.49 -21.00 5.84
C LYS A 763 2.60 -20.00 6.08
N MET A 764 3.15 -19.43 5.00
CA MET A 764 4.22 -18.45 5.14
C MET A 764 3.79 -17.22 5.90
N CYS A 765 2.48 -16.99 6.02
CA CYS A 765 1.96 -15.91 6.86
C CYS A 765 2.07 -16.20 8.36
N HIS A 766 2.54 -17.38 8.76
CA HIS A 766 2.58 -17.77 10.17
C HIS A 766 3.95 -17.57 10.82
N LEU A 767 4.94 -17.05 10.09
CA LEU A 767 6.33 -17.16 10.50
C LEU A 767 6.99 -15.83 10.86
N TYR A 768 6.20 -14.83 11.24
CA TYR A 768 6.74 -13.56 11.72
C TYR A 768 6.86 -13.64 13.23
N TYR A 769 8.09 -13.75 13.73
CA TYR A 769 8.34 -14.10 15.12
C TYR A 769 8.10 -12.96 16.10
N ASN A 770 7.99 -11.71 15.62
CA ASN A 770 7.63 -10.62 16.52
C ASN A 770 6.14 -10.57 16.82
N TRP A 771 5.34 -11.40 16.17
CA TRP A 771 3.89 -11.41 16.37
C TRP A 771 3.44 -12.85 16.54
N SER A 772 2.82 -13.14 17.69
CA SER A 772 2.38 -14.49 18.01
C SER A 772 1.10 -14.86 17.29
N GLY A 773 1.10 -14.72 15.97
CA GLY A 773 -0.08 -15.05 15.19
C GLY A 773 0.20 -14.79 13.72
N THR A 774 -0.85 -14.93 12.91
CA THR A 774 -0.72 -14.63 11.49
C THR A 774 -0.58 -13.13 11.27
N THR A 775 0.20 -12.78 10.25
CA THR A 775 0.41 -11.39 9.86
C THR A 775 -0.35 -11.08 8.58
N ARG A 776 -0.44 -9.79 8.27
CA ARG A 776 -1.20 -9.37 7.09
C ARG A 776 -0.50 -9.80 5.80
N VAL A 777 0.82 -9.94 5.82
CA VAL A 777 1.59 -10.30 4.64
C VAL A 777 2.39 -11.56 4.94
N PRO A 778 2.96 -12.23 3.93
CA PRO A 778 3.91 -13.31 4.21
C PRO A 778 5.05 -12.84 5.11
N ALA A 779 5.61 -13.78 5.87
CA ALA A 779 6.56 -13.42 6.92
C ALA A 779 7.82 -12.76 6.36
N VAL A 780 8.36 -13.30 5.26
CA VAL A 780 9.56 -12.72 4.67
C VAL A 780 9.30 -11.29 4.22
N CYS A 781 8.09 -10.99 3.74
CA CYS A 781 7.77 -9.64 3.31
C CYS A 781 7.73 -8.67 4.49
N GLN A 782 7.14 -9.10 5.61
CA GLN A 782 7.13 -8.25 6.80
C GLN A 782 8.54 -8.07 7.36
N TYR A 783 9.37 -9.11 7.27
CA TYR A 783 10.78 -8.97 7.65
C TYR A 783 11.49 -7.94 6.78
N ALA A 784 11.25 -7.99 5.47
CA ALA A 784 11.87 -7.02 4.57
C ALA A 784 11.40 -5.60 4.89
N LYS A 785 10.11 -5.42 5.15
CA LYS A 785 9.62 -4.09 5.51
C LYS A 785 10.25 -3.61 6.80
N LYS A 786 10.34 -4.49 7.80
CA LYS A 786 10.95 -4.13 9.07
C LYS A 786 12.40 -3.68 8.88
N LEU A 787 13.18 -4.48 8.15
CA LEU A 787 14.59 -4.16 7.96
C LEU A 787 14.78 -2.88 7.15
N ALA A 788 14.00 -2.72 6.08
CA ALA A 788 14.12 -1.51 5.27
C ALA A 788 13.73 -0.26 6.06
N THR A 789 12.65 -0.35 6.85
CA THR A 789 12.25 0.78 7.67
C THR A 789 13.31 1.10 8.72
N LEU A 790 13.90 0.08 9.34
CA LEU A 790 14.96 0.32 10.30
C LEU A 790 16.15 1.03 9.66
N VAL A 791 16.53 0.60 8.45
CA VAL A 791 17.68 1.22 7.80
C VAL A 791 17.37 2.66 7.39
N GLY A 792 16.19 2.89 6.81
CA GLY A 792 15.87 4.21 6.30
C GLY A 792 15.48 5.23 7.34
N THR A 793 14.98 4.78 8.50
CA THR A 793 14.54 5.69 9.55
C THR A 793 15.63 5.98 10.57
N ASN A 794 16.43 4.99 10.93
CA ASN A 794 17.38 5.12 12.02
C ASN A 794 18.83 4.89 11.60
N LEU A 795 19.11 3.82 10.85
CA LEU A 795 20.49 3.46 10.57
C LEU A 795 21.13 4.37 9.52
N HIS A 796 20.40 4.69 8.45
CA HIS A 796 20.92 5.54 7.36
C HIS A 796 22.22 5.00 6.78
N SER A 797 22.47 3.71 6.93
CA SER A 797 23.67 3.08 6.37
C SER A 797 23.44 1.57 6.34
N ILE A 798 24.33 0.89 5.65
CA ILE A 798 24.20 -0.56 5.45
C ILE A 798 24.78 -1.28 6.66
N PRO A 799 24.03 -2.16 7.32
CA PRO A 799 24.58 -2.92 8.44
C PRO A 799 25.69 -3.87 7.99
N GLN A 800 26.56 -4.20 8.94
CA GLN A 800 27.67 -5.09 8.64
C GLN A 800 27.18 -6.47 8.23
N ASN A 801 27.96 -7.12 7.37
CA ASN A 801 27.56 -8.38 6.75
C ASN A 801 27.70 -9.58 7.68
N ALA A 802 28.17 -9.40 8.92
CA ALA A 802 28.27 -10.53 9.84
C ALA A 802 26.92 -10.98 10.36
N LEU A 803 25.90 -10.11 10.31
CA LEU A 803 24.58 -10.39 10.84
C LEU A 803 23.63 -10.96 9.80
N GLU A 804 24.17 -11.56 8.72
CA GLU A 804 23.33 -11.99 7.61
C GLU A 804 22.32 -13.05 8.03
N LYS A 805 22.64 -13.87 9.04
CA LYS A 805 21.81 -14.99 9.42
C LYS A 805 21.02 -14.74 10.70
N LYS A 806 20.99 -13.50 11.19
CA LYS A 806 20.33 -13.18 12.45
C LYS A 806 19.20 -12.19 12.21
N PHE A 807 18.19 -12.25 13.07
CA PHE A 807 17.05 -11.32 13.03
C PHE A 807 17.35 -10.06 13.82
N TYR A 808 18.49 -9.44 13.54
CA TYR A 808 18.94 -8.29 14.33
C TYR A 808 17.99 -7.12 14.24
N TYR A 809 17.23 -7.01 13.14
CA TYR A 809 16.39 -5.84 12.90
C TYR A 809 15.01 -5.94 13.54
N LEU A 810 14.74 -6.99 14.32
CA LEU A 810 13.41 -7.15 14.91
C LEU A 810 13.19 -6.24 16.12
ZN ZN C . 12.46 -4.95 18.42
ZN ZN D . -15.91 -16.52 -12.45
ZN ZN E . 21.13 8.83 10.78
HG HG F . -10.95 33.11 -22.45
HG HG G . 5.65 -6.65 2.83
HG HG H . 30.03 -7.13 26.99
HG HG I . 16.54 -0.87 -4.35
HG HG I . 14.56 1.69 -4.96
HG HG J . -15.60 -9.89 -21.38
HG HG K . 12.27 35.14 6.29
ZN ZN L . -13.17 4.27 -34.24
ZN ZN M . 15.98 -31.38 23.18
ZN ZN N . 6.60 -1.91 0.74
ZN ZN O . 28.85 -19.74 24.84
ZN ZN P . 9.96 -2.05 42.54
#